data_1WCB
#
_entry.id   1WCB
#
_cell.length_a   57.900
_cell.length_b   60.300
_cell.length_c   64.600
_cell.angle_alpha   79.40
_cell.angle_beta   78.20
_cell.angle_gamma   80.80
#
_symmetry.space_group_name_H-M   'P 1'
#
loop_
_entity.id
_entity.type
_entity.pdbx_description
1 polymer 'FAB FRAGMENT OF CATALYTIC ANTIBODY 15A9, LIGHT CHAIN'
2 polymer 'FAB FRAGMENT OF CATALYTIC ANTIBODY 15A9, HEAVY CHAIN'
3 non-polymer N~2~-({3-HYDROXY-2-METHYL-5-[(PHOSPHONOOXY)METHYL]PYRIDIN-4-YL}METHYL)-L-LYSINE
4 non-polymer 'IODIDE ION'
5 water water
#
loop_
_entity_poly.entity_id
_entity_poly.type
_entity_poly.pdbx_seq_one_letter_code
_entity_poly.pdbx_strand_id
1 'polypeptide(L)'
;DIELTQSPAIMAASPGEKVTITCSATSGVNYMHWFQQKPGTSPKLWIYSTSNLASAVPARFSGSGSGTSYSLTISRMEAE
DAATYYCQQRSTYPFTFGGGTKLELKRADAAPTVSIFPPSSEQLTSGGASVVCFLNNFYPKDINVKWKIDGSERQNGVLN
SWTDQDSKDSTYSMSSTLTLTKDEYERHNSYTCEATHKTSTSPIVKSFNRNEC
;
A,L
2 'polypeptide(L)'
;EVKLQESGGGLVQPGHSLRLSCATSGFTFTDYYMSWVRQPPGKALEWLGLIRNKANGYTKEYSASVKGRFTISRDNSQSI
LYLQMNALRAEDSATYYCVRDKGSYGNYEAWFAYWGQGTTVTVSSAKTTPPSVYPLAPGSAAQTNSMVTLGCLVKGYFPE
PVTVTWNSGSLSSGVHTFPAVLQSDLYTLSSSVTVPSSPRPSETVTCNVAHPASSTKVDKKIVPRD
;
B,H
#
loop_
_chem_comp.id
_chem_comp.type
_chem_comp.name
_chem_comp.formula
IOD non-polymer 'IODIDE ION' 'I -1'
#
# COMPACT_ATOMS: atom_id res chain seq x y z
N ASP A 1 -19.65 10.21 -25.54
CA ASP A 1 -18.70 9.33 -24.78
C ASP A 1 -19.17 7.87 -24.77
N ILE A 2 -19.40 7.36 -25.97
CA ILE A 2 -19.86 6.00 -26.20
C ILE A 2 -18.93 4.93 -25.62
N GLU A 3 -19.40 4.22 -24.59
CA GLU A 3 -18.61 3.17 -23.97
C GLU A 3 -19.00 1.84 -24.60
N LEU A 4 -18.01 1.05 -25.01
CA LEU A 4 -18.27 -0.24 -25.66
C LEU A 4 -17.90 -1.40 -24.75
N THR A 5 -18.82 -2.34 -24.60
CA THR A 5 -18.56 -3.49 -23.75
C THR A 5 -18.48 -4.79 -24.56
N GLN A 6 -17.37 -5.50 -24.43
CA GLN A 6 -17.19 -6.73 -25.18
C GLN A 6 -17.43 -7.98 -24.35
N SER A 7 -18.03 -8.97 -25.00
CA SER A 7 -18.31 -10.25 -24.35
C SER A 7 -18.24 -11.33 -25.41
N PRO A 8 -17.72 -12.52 -25.03
CA PRO A 8 -17.22 -12.85 -23.70
C PRO A 8 -15.85 -12.20 -23.45
N ALA A 9 -15.45 -12.11 -22.19
CA ALA A 9 -14.15 -11.52 -21.86
C ALA A 9 -13.05 -12.48 -22.27
N ILE A 10 -13.27 -13.76 -22.02
CA ILE A 10 -12.30 -14.78 -22.38
C ILE A 10 -13.05 -16.03 -22.85
N MET A 11 -12.37 -16.85 -23.64
CA MET A 11 -12.97 -18.07 -24.18
C MET A 11 -11.96 -18.92 -24.92
N ALA A 12 -12.35 -20.15 -25.19
CA ALA A 12 -11.50 -21.10 -25.90
C ALA A 12 -12.39 -21.77 -26.94
N ALA A 13 -11.79 -22.26 -28.02
CA ALA A 13 -12.55 -22.93 -29.07
C ALA A 13 -11.70 -23.97 -29.78
N SER A 14 -12.33 -25.08 -30.14
CA SER A 14 -11.61 -26.15 -30.82
C SER A 14 -11.52 -25.85 -32.32
N PRO A 15 -10.55 -26.46 -33.00
CA PRO A 15 -10.42 -26.21 -34.44
C PRO A 15 -11.74 -26.50 -35.17
N GLY A 16 -12.05 -25.68 -36.18
CA GLY A 16 -13.26 -25.87 -36.95
C GLY A 16 -14.52 -25.36 -36.26
N GLU A 17 -14.39 -25.00 -34.99
CA GLU A 17 -15.53 -24.51 -34.24
C GLU A 17 -15.85 -23.08 -34.66
N LYS A 18 -17.14 -22.74 -34.61
CA LYS A 18 -17.62 -21.40 -34.98
C LYS A 18 -17.54 -20.52 -33.73
N VAL A 19 -16.91 -19.36 -33.88
CA VAL A 19 -16.73 -18.43 -32.77
C VAL A 19 -17.50 -17.12 -32.97
N THR A 20 -18.10 -16.63 -31.90
CA THR A 20 -18.85 -15.39 -32.00
C THR A 20 -18.58 -14.45 -30.83
N ILE A 21 -18.18 -13.22 -31.17
CA ILE A 21 -17.90 -12.20 -30.18
C ILE A 21 -18.91 -11.08 -30.43
N THR A 22 -19.34 -10.42 -29.37
CA THR A 22 -20.31 -9.33 -29.48
C THR A 22 -19.72 -8.08 -28.86
N CYS A 23 -20.27 -6.93 -29.21
CA CYS A 23 -19.80 -5.65 -28.71
C CYS A 23 -21.01 -4.74 -28.63
N SER A 24 -21.44 -4.42 -27.42
CA SER A 24 -22.59 -3.54 -27.26
C SER A 24 -22.17 -2.13 -26.87
N ALA A 25 -22.85 -1.16 -27.47
CA ALA A 25 -22.57 0.25 -27.22
C ALA A 25 -23.65 0.93 -26.42
N THR A 26 -23.24 1.79 -25.48
CA THR A 26 -24.19 2.54 -24.65
C THR A 26 -25.03 3.48 -25.53
N SER A 27 -24.47 3.93 -26.65
CA SER A 27 -25.21 4.79 -27.58
C SER A 27 -25.06 4.13 -28.95
N GLY A 28 -25.83 4.62 -29.92
CA GLY A 28 -25.78 4.04 -31.25
C GLY A 28 -24.70 4.59 -32.19
N VAL A 29 -23.93 3.70 -32.80
CA VAL A 29 -22.87 4.09 -33.73
C VAL A 29 -23.21 3.53 -35.10
N ASN A 30 -22.73 4.19 -36.15
CA ASN A 30 -23.00 3.79 -37.53
C ASN A 30 -22.12 2.69 -38.12
N TYR A 31 -21.01 2.43 -37.45
CA TYR A 31 -20.10 1.40 -37.94
C TYR A 31 -19.32 0.91 -36.74
N MET A 32 -18.94 -0.36 -36.77
CA MET A 32 -18.14 -0.90 -35.70
C MET A 32 -16.95 -1.49 -36.42
N HIS A 33 -15.76 -1.14 -35.96
CA HIS A 33 -14.53 -1.64 -36.56
C HIS A 33 -13.94 -2.64 -35.59
N TRP A 34 -13.12 -3.55 -36.09
CA TRP A 34 -12.52 -4.56 -35.25
C TRP A 34 -11.03 -4.68 -35.43
N PHE A 35 -10.33 -5.06 -34.36
CA PHE A 35 -8.89 -5.22 -34.42
C PHE A 35 -8.42 -6.54 -33.80
N GLN A 36 -7.39 -7.14 -34.41
CA GLN A 36 -6.83 -8.39 -33.90
C GLN A 36 -5.47 -8.09 -33.30
N GLN A 37 -5.31 -8.43 -32.04
CA GLN A 37 -4.04 -8.21 -31.39
C GLN A 37 -3.54 -9.50 -30.74
N LYS A 38 -2.44 -9.96 -31.30
CA LYS A 38 -1.73 -11.15 -30.80
C LYS A 38 -0.67 -10.59 -29.83
N PRO A 39 -0.35 -11.29 -28.74
CA PRO A 39 0.62 -10.71 -27.82
C PRO A 39 2.02 -10.23 -28.27
N GLY A 40 2.39 -9.06 -27.78
CA GLY A 40 3.70 -8.49 -28.09
C GLY A 40 3.81 -7.67 -29.37
N THR A 41 2.76 -7.66 -30.18
CA THR A 41 2.77 -6.91 -31.44
C THR A 41 1.72 -5.82 -31.45
N SER A 42 1.79 -4.95 -32.45
CA SER A 42 0.83 -3.87 -32.54
C SER A 42 -0.49 -4.40 -33.09
N PRO A 43 -1.62 -3.84 -32.62
CA PRO A 43 -2.94 -4.30 -33.08
C PRO A 43 -3.06 -4.21 -34.60
N LYS A 44 -3.87 -5.09 -35.21
CA LYS A 44 -4.08 -4.97 -36.65
C LYS A 44 -5.54 -4.66 -36.99
N LEU A 45 -5.72 -4.13 -38.18
CA LEU A 45 -7.04 -3.84 -38.69
C LEU A 45 -7.50 -5.22 -39.18
N TRP A 46 -8.65 -5.67 -38.70
CA TRP A 46 -9.16 -6.98 -39.09
C TRP A 46 -10.51 -6.88 -39.80
N ILE A 47 -11.34 -5.94 -39.37
CA ILE A 47 -12.64 -5.72 -39.99
C ILE A 47 -12.93 -4.23 -39.92
N TYR A 48 -13.28 -3.64 -41.06
CA TYR A 48 -13.58 -2.21 -41.06
C TYR A 48 -14.97 -1.96 -41.60
N SER A 49 -15.61 -0.93 -41.07
CA SER A 49 -16.94 -0.59 -41.52
C SER A 49 -17.93 -1.72 -41.32
N THR A 50 -17.90 -2.30 -40.11
CA THR A 50 -18.80 -3.37 -39.71
C THR A 50 -18.61 -4.74 -40.35
N SER A 51 -18.62 -4.80 -41.68
CA SER A 51 -18.53 -6.06 -42.38
C SER A 51 -17.46 -6.23 -43.46
N ASN A 52 -16.52 -5.29 -43.55
CA ASN A 52 -15.46 -5.38 -44.55
C ASN A 52 -14.18 -5.92 -43.96
N LEU A 53 -13.68 -6.98 -44.59
CA LEU A 53 -12.44 -7.62 -44.15
C LEU A 53 -11.25 -6.75 -44.52
N ALA A 54 -10.25 -6.74 -43.67
CA ALA A 54 -9.04 -5.97 -43.92
C ALA A 54 -8.13 -6.74 -44.85
N SER A 55 -7.02 -6.12 -45.20
CA SER A 55 -6.05 -6.73 -46.08
C SER A 55 -5.66 -8.12 -45.55
N ALA A 56 -5.76 -9.11 -46.43
CA ALA A 56 -5.36 -10.48 -46.13
C ALA A 56 -6.16 -11.29 -45.08
N VAL A 57 -7.27 -10.79 -44.58
CA VAL A 57 -8.04 -11.58 -43.59
C VAL A 57 -8.84 -12.70 -44.28
N PRO A 58 -8.76 -13.93 -43.73
CA PRO A 58 -9.47 -15.09 -44.29
C PRO A 58 -10.99 -14.92 -44.34
N ALA A 59 -11.61 -15.52 -45.36
CA ALA A 59 -13.06 -15.44 -45.53
C ALA A 59 -13.86 -15.99 -44.36
N ARG A 60 -13.29 -16.95 -43.63
CA ARG A 60 -14.02 -17.52 -42.49
C ARG A 60 -14.47 -16.46 -41.49
N PHE A 61 -13.90 -15.26 -41.59
CA PHE A 61 -14.23 -14.16 -40.71
C PHE A 61 -15.36 -13.33 -41.29
N SER A 62 -16.06 -12.60 -40.42
CA SER A 62 -17.17 -11.75 -40.83
C SER A 62 -17.69 -10.93 -39.64
N GLY A 63 -18.23 -9.75 -39.93
CA GLY A 63 -18.76 -8.91 -38.88
C GLY A 63 -20.15 -8.41 -39.25
N SER A 64 -20.92 -8.00 -38.24
CA SER A 64 -22.26 -7.48 -38.51
C SER A 64 -22.82 -6.67 -37.35
N GLY A 65 -24.04 -6.16 -37.52
CA GLY A 65 -24.67 -5.39 -36.46
C GLY A 65 -25.07 -3.98 -36.88
N SER A 66 -25.47 -3.18 -35.89
CA SER A 66 -25.87 -1.80 -36.10
C SER A 66 -26.47 -1.25 -34.81
N GLY A 67 -26.75 0.04 -34.80
CA GLY A 67 -27.33 0.64 -33.61
C GLY A 67 -26.37 0.49 -32.46
N THR A 68 -26.69 -0.40 -31.52
CA THR A 68 -25.84 -0.62 -30.36
C THR A 68 -25.38 -2.07 -30.22
N SER A 69 -25.57 -2.87 -31.26
CA SER A 69 -25.20 -4.29 -31.16
C SER A 69 -24.37 -4.76 -32.35
N TYR A 70 -23.17 -5.29 -32.08
CA TYR A 70 -22.29 -5.75 -33.14
C TYR A 70 -21.56 -7.03 -32.80
N SER A 71 -21.10 -7.74 -33.84
CA SER A 71 -20.41 -9.00 -33.60
C SER A 71 -19.41 -9.40 -34.68
N LEU A 72 -18.36 -10.09 -34.25
CA LEU A 72 -17.34 -10.59 -35.15
C LEU A 72 -17.55 -12.10 -35.10
N THR A 73 -17.55 -12.75 -36.27
CA THR A 73 -17.77 -14.20 -36.33
C THR A 73 -16.72 -14.95 -37.13
N ILE A 74 -16.26 -16.08 -36.59
CA ILE A 74 -15.28 -16.93 -37.27
C ILE A 74 -16.06 -18.19 -37.60
N SER A 75 -16.25 -18.47 -38.89
CA SER A 75 -16.98 -19.65 -39.29
C SER A 75 -16.33 -20.91 -38.71
N ARG A 76 -15.05 -21.11 -38.99
CA ARG A 76 -14.32 -22.28 -38.51
C ARG A 76 -12.98 -21.89 -37.92
N MET A 77 -12.93 -21.84 -36.60
CA MET A 77 -11.73 -21.47 -35.86
C MET A 77 -10.42 -22.14 -36.34
N GLU A 78 -9.40 -21.31 -36.58
CA GLU A 78 -8.08 -21.80 -36.98
C GLU A 78 -7.14 -21.51 -35.82
N ALA A 79 -6.01 -22.18 -35.76
CA ALA A 79 -5.04 -21.97 -34.67
C ALA A 79 -4.45 -20.57 -34.67
N GLU A 80 -4.32 -19.96 -35.84
CA GLU A 80 -3.75 -18.62 -35.93
C GLU A 80 -4.72 -17.52 -35.50
N ASP A 81 -6.01 -17.82 -35.44
CA ASP A 81 -6.97 -16.81 -35.02
C ASP A 81 -6.91 -16.56 -33.53
N ALA A 82 -6.05 -17.30 -32.83
CA ALA A 82 -5.91 -17.11 -31.39
C ALA A 82 -5.35 -15.71 -31.15
N ALA A 83 -6.03 -14.92 -30.33
CA ALA A 83 -5.57 -13.56 -30.02
C ALA A 83 -6.65 -12.79 -29.26
N THR A 84 -6.43 -11.50 -29.06
CA THR A 84 -7.42 -10.67 -28.38
C THR A 84 -8.04 -9.78 -29.44
N TYR A 85 -9.36 -9.68 -29.44
CA TYR A 85 -10.05 -8.86 -30.42
C TYR A 85 -10.61 -7.58 -29.79
N TYR A 86 -10.49 -6.49 -30.52
CA TYR A 86 -10.95 -5.20 -30.03
C TYR A 86 -11.90 -4.52 -31.00
N CYS A 87 -13.10 -4.18 -30.52
CA CYS A 87 -14.03 -3.44 -31.35
C CYS A 87 -13.67 -1.97 -31.13
N GLN A 88 -14.11 -1.12 -32.05
CA GLN A 88 -13.83 0.29 -31.95
C GLN A 88 -14.90 1.07 -32.66
N GLN A 89 -15.27 2.22 -32.10
CA GLN A 89 -16.26 3.07 -32.72
C GLN A 89 -15.60 4.40 -32.96
N ARG A 90 -15.70 4.87 -34.20
CA ARG A 90 -15.16 6.14 -34.62
C ARG A 90 -16.36 6.93 -35.15
N SER A 91 -17.52 6.66 -34.55
CA SER A 91 -18.76 7.29 -34.97
C SER A 91 -18.92 8.66 -34.31
N THR A 92 -18.48 8.75 -33.05
CA THR A 92 -18.56 10.00 -32.30
C THR A 92 -17.28 10.27 -31.51
N TYR A 93 -16.87 11.52 -31.45
CA TYR A 93 -15.67 11.87 -30.70
C TYR A 93 -16.01 11.82 -29.22
N PRO A 94 -15.12 11.24 -28.42
CA PRO A 94 -13.86 10.65 -28.88
C PRO A 94 -14.04 9.21 -29.35
N PHE A 95 -13.13 8.75 -30.19
CA PHE A 95 -13.14 7.39 -30.68
C PHE A 95 -12.93 6.51 -29.46
N THR A 96 -13.52 5.31 -29.46
CA THR A 96 -13.36 4.42 -28.33
C THR A 96 -13.16 2.98 -28.76
N PHE A 97 -12.51 2.20 -27.90
CA PHE A 97 -12.30 0.78 -28.14
C PHE A 97 -13.08 0.04 -27.06
N GLY A 98 -13.31 -1.25 -27.26
CA GLY A 98 -14.03 -2.02 -26.26
C GLY A 98 -13.08 -2.63 -25.24
N GLY A 99 -13.63 -3.44 -24.34
CA GLY A 99 -12.81 -4.08 -23.31
C GLY A 99 -11.96 -5.22 -23.85
N GLY A 100 -12.23 -5.67 -25.07
CA GLY A 100 -11.44 -6.75 -25.64
C GLY A 100 -11.86 -8.13 -25.18
N THR A 101 -11.70 -9.10 -26.07
CA THR A 101 -12.04 -10.49 -25.83
C THR A 101 -10.78 -11.32 -26.07
N LYS A 102 -10.31 -12.05 -25.06
CA LYS A 102 -9.13 -12.89 -25.31
C LYS A 102 -9.57 -14.27 -25.80
N LEU A 103 -9.38 -14.51 -27.11
CA LEU A 103 -9.75 -15.79 -27.72
C LEU A 103 -8.56 -16.74 -27.72
N GLU A 104 -8.71 -17.85 -27.00
CA GLU A 104 -7.66 -18.86 -26.91
C GLU A 104 -7.94 -19.99 -27.88
N LEU A 105 -6.91 -20.78 -28.14
CA LEU A 105 -7.05 -21.91 -29.03
C LEU A 105 -6.88 -23.18 -28.22
N LYS A 106 -7.61 -24.22 -28.58
CA LYS A 106 -7.45 -25.51 -27.90
C LYS A 106 -6.48 -26.35 -28.70
N ARG A 107 -6.06 -27.46 -28.11
CA ARG A 107 -5.13 -28.41 -28.75
C ARG A 107 -4.90 -29.63 -27.86
N ALA A 108 -4.14 -30.58 -28.37
CA ALA A 108 -3.82 -31.79 -27.66
C ALA A 108 -3.04 -31.53 -26.37
N ASP A 109 -3.32 -32.34 -25.35
CA ASP A 109 -2.66 -32.22 -24.05
C ASP A 109 -1.13 -32.23 -24.17
N ALA A 110 -0.48 -31.42 -23.36
CA ALA A 110 0.97 -31.34 -23.37
C ALA A 110 1.55 -31.22 -21.97
N ALA A 111 2.25 -32.27 -21.54
CA ALA A 111 2.86 -32.29 -20.22
C ALA A 111 3.99 -31.24 -20.22
N PRO A 112 4.14 -30.51 -19.11
CA PRO A 112 5.16 -29.47 -18.96
C PRO A 112 6.60 -29.97 -18.83
N THR A 113 7.47 -29.53 -19.71
CA THR A 113 8.86 -29.94 -19.60
C THR A 113 9.43 -29.03 -18.51
N VAL A 114 9.76 -29.65 -17.38
CA VAL A 114 10.27 -28.93 -16.22
C VAL A 114 11.79 -28.89 -16.09
N SER A 115 12.30 -27.82 -15.48
CA SER A 115 13.74 -27.63 -15.26
C SER A 115 13.92 -26.77 -13.99
N ILE A 116 14.92 -27.11 -13.17
CA ILE A 116 15.20 -26.36 -11.95
C ILE A 116 16.65 -25.91 -11.99
N PHE A 117 16.95 -24.78 -11.35
CA PHE A 117 18.31 -24.23 -11.32
C PHE A 117 18.62 -23.59 -9.95
N PRO A 118 19.82 -23.88 -9.41
CA PRO A 118 20.21 -23.32 -8.12
C PRO A 118 20.74 -21.90 -8.36
N PRO A 119 20.89 -21.11 -7.28
CA PRO A 119 21.40 -19.77 -7.56
C PRO A 119 22.77 -19.89 -8.23
N SER A 120 23.21 -18.83 -8.90
CA SER A 120 24.50 -18.83 -9.54
C SER A 120 25.48 -18.33 -8.49
N SER A 121 26.75 -18.69 -8.63
CA SER A 121 27.75 -18.23 -7.68
C SER A 121 27.72 -16.71 -7.68
N GLU A 122 27.47 -16.14 -8.84
CA GLU A 122 27.43 -14.69 -8.98
C GLU A 122 26.47 -14.04 -7.98
N GLN A 123 25.20 -14.45 -8.03
CA GLN A 123 24.20 -13.88 -7.13
C GLN A 123 24.54 -14.05 -5.65
N LEU A 124 25.04 -15.24 -5.29
CA LEU A 124 25.40 -15.51 -3.91
C LEU A 124 26.22 -14.37 -3.33
N THR A 125 27.29 -14.00 -4.00
CA THR A 125 28.16 -12.91 -3.57
C THR A 125 27.38 -11.66 -3.13
N SER A 126 26.14 -11.52 -3.59
CA SER A 126 25.32 -10.37 -3.23
C SER A 126 24.55 -10.60 -1.94
N GLY A 127 24.59 -11.82 -1.42
CA GLY A 127 23.89 -12.14 -0.19
C GLY A 127 22.44 -12.51 -0.45
N GLY A 128 22.12 -12.79 -1.71
CA GLY A 128 20.77 -13.18 -2.08
C GLY A 128 20.84 -14.47 -2.87
N ALA A 129 19.81 -15.30 -2.75
CA ALA A 129 19.78 -16.58 -3.45
C ALA A 129 18.43 -16.81 -4.10
N SER A 130 18.44 -17.17 -5.38
CA SER A 130 17.23 -17.44 -6.15
C SER A 130 17.28 -18.81 -6.86
N VAL A 131 16.25 -19.61 -6.65
CA VAL A 131 16.13 -20.92 -7.30
C VAL A 131 15.08 -20.74 -8.40
N VAL A 132 15.45 -21.04 -9.65
CA VAL A 132 14.52 -20.86 -10.75
C VAL A 132 14.01 -22.17 -11.32
N CYS A 133 12.72 -22.21 -11.61
CA CYS A 133 12.09 -23.41 -12.16
C CYS A 133 11.20 -23.11 -13.35
N PHE A 134 11.53 -23.74 -14.47
CA PHE A 134 10.75 -23.55 -15.70
C PHE A 134 9.81 -24.73 -15.97
N LEU A 135 8.56 -24.42 -16.28
CA LEU A 135 7.57 -25.45 -16.65
C LEU A 135 7.15 -25.02 -18.07
N ASN A 136 7.88 -25.52 -19.05
CA ASN A 136 7.66 -25.14 -20.45
C ASN A 136 6.77 -26.00 -21.34
N ASN A 137 6.10 -25.30 -22.26
CA ASN A 137 5.24 -25.88 -23.28
C ASN A 137 4.23 -26.91 -22.87
N PHE A 138 3.31 -26.52 -22.00
CA PHE A 138 2.26 -27.42 -21.58
C PHE A 138 0.90 -26.90 -22.02
N TYR A 139 -0.06 -27.82 -22.07
CA TYR A 139 -1.45 -27.50 -22.39
C TYR A 139 -2.22 -28.64 -21.78
N PRO A 140 -3.29 -28.33 -21.04
CA PRO A 140 -3.87 -27.02 -20.73
C PRO A 140 -3.10 -26.03 -19.83
N LYS A 141 -3.70 -24.84 -19.75
CA LYS A 141 -3.30 -23.67 -18.94
C LYS A 141 -3.08 -24.00 -17.47
N ASP A 142 -4.15 -24.49 -16.84
CA ASP A 142 -4.17 -24.86 -15.43
C ASP A 142 -2.91 -25.57 -15.02
N ILE A 143 -2.21 -24.99 -14.06
CA ILE A 143 -0.96 -25.54 -13.54
C ILE A 143 -0.77 -25.02 -12.14
N ASN A 144 -0.28 -25.87 -11.24
CA ASN A 144 -0.04 -25.42 -9.88
C ASN A 144 1.38 -25.77 -9.48
N VAL A 145 2.10 -24.77 -8.96
CA VAL A 145 3.48 -24.95 -8.55
C VAL A 145 3.63 -24.79 -7.04
N LYS A 146 4.46 -25.66 -6.49
CA LYS A 146 4.71 -25.68 -5.04
C LYS A 146 6.20 -25.97 -4.78
N TRP A 147 6.79 -25.17 -3.91
CA TRP A 147 8.20 -25.29 -3.54
C TRP A 147 8.32 -25.97 -2.18
N LYS A 148 9.09 -27.06 -2.17
CA LYS A 148 9.34 -27.85 -0.96
C LYS A 148 10.85 -27.88 -0.68
N ILE A 149 11.21 -27.34 0.49
CA ILE A 149 12.59 -27.26 0.94
C ILE A 149 12.77 -28.20 2.13
N ASP A 150 13.44 -29.32 1.90
CA ASP A 150 13.65 -30.32 2.94
C ASP A 150 12.31 -30.83 3.44
N GLY A 151 11.41 -31.10 2.50
CA GLY A 151 10.09 -31.60 2.84
C GLY A 151 9.06 -30.52 3.13
N SER A 152 9.45 -29.51 3.90
CA SER A 152 8.55 -28.41 4.28
C SER A 152 8.29 -27.48 3.10
N GLU A 153 7.03 -27.19 2.83
CA GLU A 153 6.65 -26.29 1.73
C GLU A 153 6.98 -24.83 2.04
N ARG A 154 7.41 -24.08 1.02
CA ARG A 154 7.75 -22.67 1.19
C ARG A 154 6.85 -21.81 0.31
N GLN A 155 6.32 -20.73 0.89
CA GLN A 155 5.43 -19.83 0.16
C GLN A 155 6.04 -18.43 0.01
N ASN A 156 6.49 -17.87 1.13
CA ASN A 156 7.12 -16.54 1.14
C ASN A 156 8.35 -16.56 0.23
N GLY A 157 8.43 -15.60 -0.67
CA GLY A 157 9.56 -15.53 -1.57
C GLY A 157 9.38 -16.15 -2.95
N VAL A 158 8.17 -16.60 -3.26
CA VAL A 158 7.92 -17.18 -4.58
C VAL A 158 7.17 -16.19 -5.44
N LEU A 159 7.61 -16.04 -6.68
CA LEU A 159 6.96 -15.15 -7.62
C LEU A 159 6.91 -15.88 -8.95
N ASN A 160 5.72 -15.89 -9.56
CA ASN A 160 5.55 -16.59 -10.81
C ASN A 160 5.18 -15.74 -12.00
N SER A 161 5.42 -16.28 -13.19
CA SER A 161 5.10 -15.59 -14.43
C SER A 161 4.51 -16.62 -15.39
N TRP A 162 3.46 -16.22 -16.08
CA TRP A 162 2.77 -17.08 -17.03
C TRP A 162 2.78 -16.40 -18.38
N THR A 163 3.20 -17.11 -19.41
CA THR A 163 3.22 -16.54 -20.75
C THR A 163 1.85 -16.73 -21.35
N ASP A 164 1.62 -16.07 -22.47
CA ASP A 164 0.36 -16.16 -23.19
C ASP A 164 0.50 -17.31 -24.22
N GLN A 165 -0.58 -18.00 -24.53
CA GLN A 165 -0.52 -19.11 -25.49
C GLN A 165 0.54 -18.84 -26.57
N ASP A 166 1.49 -19.78 -26.69
CA ASP A 166 2.57 -19.69 -27.65
C ASP A 166 1.99 -19.61 -29.05
N SER A 167 2.46 -18.66 -29.85
CA SER A 167 1.96 -18.51 -31.21
C SER A 167 2.53 -19.57 -32.16
N LYS A 168 3.58 -20.27 -31.74
CA LYS A 168 4.23 -21.27 -32.60
C LYS A 168 3.67 -22.70 -32.39
N ASP A 169 3.34 -23.04 -31.14
CA ASP A 169 2.80 -24.37 -30.86
C ASP A 169 1.57 -24.39 -29.95
N SER A 170 0.98 -23.21 -29.71
CA SER A 170 -0.23 -23.06 -28.91
C SER A 170 -0.20 -23.53 -27.46
N THR A 171 0.99 -23.74 -26.92
CA THR A 171 1.08 -24.19 -25.55
C THR A 171 1.28 -23.01 -24.61
N TYR A 172 1.55 -23.33 -23.35
CA TYR A 172 1.76 -22.32 -22.34
C TYR A 172 3.06 -22.65 -21.62
N SER A 173 3.66 -21.65 -20.99
CA SER A 173 4.87 -21.86 -20.25
C SER A 173 4.85 -21.02 -18.99
N MET A 174 5.51 -21.52 -17.96
CA MET A 174 5.55 -20.82 -16.70
C MET A 174 6.94 -20.85 -16.06
N SER A 175 7.25 -19.78 -15.35
CA SER A 175 8.53 -19.65 -14.68
C SER A 175 8.23 -19.37 -13.21
N SER A 176 8.90 -20.10 -12.32
CA SER A 176 8.70 -19.89 -10.89
C SER A 176 10.05 -19.58 -10.27
N THR A 177 10.08 -18.59 -9.38
CA THR A 177 11.31 -18.18 -8.70
C THR A 177 11.12 -18.06 -7.18
N LEU A 178 12.00 -18.71 -6.42
CA LEU A 178 11.96 -18.67 -4.96
C LEU A 178 13.20 -17.92 -4.52
N THR A 179 13.00 -16.69 -4.05
CA THR A 179 14.12 -15.86 -3.61
C THR A 179 14.25 -15.88 -2.10
N LEU A 180 15.45 -16.25 -1.65
CA LEU A 180 15.75 -16.34 -0.23
C LEU A 180 17.02 -15.57 0.02
N THR A 181 17.43 -15.54 1.28
CA THR A 181 18.68 -14.89 1.68
C THR A 181 19.76 -15.98 1.57
N LYS A 182 20.96 -15.63 1.09
CA LYS A 182 22.07 -16.61 0.98
C LYS A 182 22.22 -17.36 2.32
N ASP A 183 21.84 -16.62 3.36
CA ASP A 183 21.85 -16.97 4.77
C ASP A 183 20.83 -18.07 5.08
N GLU A 184 19.64 -17.92 4.52
CA GLU A 184 18.56 -18.88 4.73
C GLU A 184 18.84 -20.08 3.81
N TYR A 185 19.32 -19.76 2.60
CA TYR A 185 19.65 -20.76 1.60
C TYR A 185 20.67 -21.78 2.10
N GLU A 186 21.72 -21.27 2.75
CA GLU A 186 22.79 -22.13 3.26
C GLU A 186 22.42 -22.98 4.48
N ARG A 187 21.19 -22.85 4.95
CA ARG A 187 20.72 -23.65 6.08
C ARG A 187 20.16 -24.93 5.50
N HIS A 188 19.10 -24.78 4.73
CA HIS A 188 18.43 -25.90 4.10
C HIS A 188 19.38 -26.62 3.15
N ASN A 189 18.94 -27.74 2.60
CA ASN A 189 19.79 -28.55 1.74
C ASN A 189 19.13 -29.06 0.43
N SER A 190 17.85 -29.42 0.50
CA SER A 190 17.12 -29.93 -0.65
C SER A 190 16.05 -28.96 -1.16
N TYR A 191 16.04 -28.71 -2.46
CA TYR A 191 15.06 -27.81 -3.04
C TYR A 191 14.32 -28.51 -4.18
N THR A 192 13.00 -28.57 -4.04
CA THR A 192 12.18 -29.23 -5.05
C THR A 192 11.15 -28.35 -5.74
N CYS A 193 10.99 -28.55 -7.04
CA CYS A 193 9.98 -27.81 -7.79
C CYS A 193 8.91 -28.87 -8.06
N GLU A 194 7.76 -28.72 -7.42
CA GLU A 194 6.65 -29.65 -7.57
C GLU A 194 5.52 -29.04 -8.41
N ALA A 195 5.16 -29.71 -9.49
CA ALA A 195 4.11 -29.20 -10.35
C ALA A 195 3.00 -30.24 -10.56
N THR A 196 1.76 -29.78 -10.53
CA THR A 196 0.63 -30.66 -10.73
C THR A 196 -0.15 -30.15 -11.94
N HIS A 197 -0.24 -31.00 -12.96
CA HIS A 197 -0.93 -30.69 -14.21
C HIS A 197 -1.88 -31.85 -14.46
N LYS A 198 -2.87 -31.67 -15.33
CA LYS A 198 -3.79 -32.76 -15.60
C LYS A 198 -3.13 -33.86 -16.42
N THR A 199 -1.93 -33.58 -16.94
CA THR A 199 -1.23 -34.57 -17.74
C THR A 199 -0.59 -35.65 -16.88
N SER A 200 -0.99 -35.72 -15.62
CA SER A 200 -0.45 -36.71 -14.70
C SER A 200 -1.04 -36.61 -13.30
N THR A 201 -1.53 -37.73 -12.79
CA THR A 201 -2.08 -37.76 -11.43
C THR A 201 -0.85 -37.94 -10.55
N SER A 202 0.27 -38.19 -11.20
CA SER A 202 1.55 -38.35 -10.55
C SER A 202 2.25 -36.98 -10.61
N PRO A 203 2.45 -36.32 -9.45
CA PRO A 203 3.10 -35.00 -9.40
C PRO A 203 4.44 -34.95 -10.11
N ILE A 204 4.60 -33.98 -11.01
CA ILE A 204 5.86 -33.82 -11.76
C ILE A 204 6.85 -33.02 -10.92
N VAL A 205 8.03 -33.58 -10.71
CA VAL A 205 9.05 -32.90 -9.92
C VAL A 205 10.46 -33.09 -10.45
N LYS A 206 11.29 -32.10 -10.15
CA LYS A 206 12.70 -32.07 -10.52
C LYS A 206 13.30 -31.29 -9.36
N SER A 207 14.46 -31.70 -8.89
CA SER A 207 15.09 -31.01 -7.77
C SER A 207 16.61 -31.08 -7.81
N PHE A 208 17.23 -30.43 -6.84
CA PHE A 208 18.67 -30.40 -6.76
C PHE A 208 19.07 -30.32 -5.30
N ASN A 209 20.29 -30.72 -5.01
CA ASN A 209 20.78 -30.69 -3.66
C ASN A 209 22.03 -29.82 -3.58
N ARG A 210 21.95 -28.76 -2.76
CA ARG A 210 23.05 -27.84 -2.58
C ARG A 210 24.32 -28.60 -2.21
N ASN A 211 25.22 -28.76 -3.18
CA ASN A 211 26.47 -29.49 -2.97
C ASN A 211 27.69 -28.58 -3.01
N GLU A 212 28.50 -28.63 -1.96
CA GLU A 212 29.71 -27.83 -1.88
C GLU A 212 30.72 -28.37 -2.89
N CYS A 213 31.05 -27.57 -3.90
CA CYS A 213 31.99 -27.98 -4.93
C CYS A 213 32.50 -26.81 -5.78
N GLU B 1 7.40 2.23 -48.66
CA GLU B 1 6.86 1.37 -47.58
C GLU B 1 6.39 2.25 -46.43
N VAL B 2 5.13 2.10 -46.04
CA VAL B 2 4.59 2.88 -44.95
C VAL B 2 5.41 2.60 -43.71
N LYS B 3 5.91 3.65 -43.06
CA LYS B 3 6.72 3.45 -41.88
C LYS B 3 6.33 4.40 -40.75
N LEU B 4 6.05 3.79 -39.60
CA LEU B 4 5.67 4.50 -38.39
C LEU B 4 6.65 4.07 -37.31
N GLN B 5 7.29 5.06 -36.69
CA GLN B 5 8.29 4.78 -35.66
C GLN B 5 8.19 5.74 -34.46
N GLU B 6 7.61 5.26 -33.35
CA GLU B 6 7.48 6.08 -32.15
C GLU B 6 8.74 5.99 -31.32
N SER B 7 8.96 7.00 -30.49
CA SER B 7 10.12 7.07 -29.61
C SER B 7 9.88 8.09 -28.50
N GLY B 8 10.88 8.28 -27.65
CA GLY B 8 10.75 9.25 -26.57
C GLY B 8 10.33 8.63 -25.25
N GLY B 9 9.75 7.44 -25.32
CA GLY B 9 9.29 6.77 -24.12
C GLY B 9 10.37 6.47 -23.11
N GLY B 10 10.00 6.44 -21.84
CA GLY B 10 10.95 6.15 -20.79
C GLY B 10 10.34 6.40 -19.43
N LEU B 11 11.18 6.65 -18.44
CA LEU B 11 10.72 6.91 -17.08
C LEU B 11 10.53 8.40 -16.88
N VAL B 12 9.42 8.78 -16.24
CA VAL B 12 9.09 10.16 -15.95
C VAL B 12 8.39 10.21 -14.59
N GLN B 13 8.75 11.19 -13.77
CA GLN B 13 8.16 11.36 -12.45
C GLN B 13 6.76 11.95 -12.55
N PRO B 14 5.87 11.61 -11.60
CA PRO B 14 4.48 12.07 -11.53
C PRO B 14 4.43 13.60 -11.43
N GLY B 15 3.61 14.22 -12.28
CA GLY B 15 3.49 15.67 -12.27
C GLY B 15 4.34 16.34 -13.32
N HIS B 16 5.31 15.61 -13.86
CA HIS B 16 6.22 16.11 -14.88
C HIS B 16 5.71 15.95 -16.32
N SER B 17 6.60 16.14 -17.28
CA SER B 17 6.25 16.05 -18.69
C SER B 17 7.17 15.15 -19.49
N LEU B 18 6.65 14.67 -20.61
CA LEU B 18 7.42 13.83 -21.51
C LEU B 18 6.90 14.06 -22.93
N ARG B 19 7.80 14.24 -23.89
CA ARG B 19 7.37 14.45 -25.26
C ARG B 19 7.74 13.23 -26.10
N LEU B 20 6.75 12.62 -26.75
CA LEU B 20 6.98 11.46 -27.61
C LEU B 20 6.96 11.91 -29.05
N SER B 21 7.58 11.12 -29.91
CA SER B 21 7.62 11.42 -31.33
C SER B 21 7.34 10.17 -32.16
N CYS B 22 6.99 10.39 -33.42
CA CYS B 22 6.68 9.30 -34.33
C CYS B 22 7.16 9.68 -35.73
N ALA B 23 8.34 9.16 -36.08
CA ALA B 23 8.94 9.41 -37.39
C ALA B 23 8.19 8.62 -38.45
N THR B 24 7.76 9.31 -39.50
CA THR B 24 7.02 8.64 -40.56
C THR B 24 7.80 8.69 -41.88
N SER B 25 7.47 7.78 -42.78
CA SER B 25 8.11 7.72 -44.08
C SER B 25 7.33 6.70 -44.88
N GLY B 26 7.45 6.76 -46.21
CA GLY B 26 6.76 5.81 -47.07
C GLY B 26 5.42 6.29 -47.56
N PHE B 27 5.06 7.53 -47.24
CA PHE B 27 3.80 8.10 -47.67
C PHE B 27 3.82 9.61 -47.45
N THR B 28 2.93 10.33 -48.12
CA THR B 28 2.85 11.78 -48.00
C THR B 28 2.20 12.16 -46.66
N PHE B 29 3.05 12.52 -45.71
CA PHE B 29 2.60 12.87 -44.38
C PHE B 29 1.42 13.86 -44.31
N THR B 30 1.56 15.03 -44.93
CA THR B 30 0.50 16.04 -44.89
C THR B 30 -0.88 15.59 -45.32
N ASP B 31 -0.97 14.68 -46.27
CA ASP B 31 -2.29 14.23 -46.72
C ASP B 31 -3.08 13.45 -45.68
N TYR B 32 -2.44 13.02 -44.60
CA TYR B 32 -3.16 12.22 -43.60
C TYR B 32 -3.38 12.78 -42.21
N TYR B 33 -4.43 12.26 -41.58
CA TYR B 33 -4.75 12.55 -40.19
C TYR B 33 -3.82 11.57 -39.46
N MET B 34 -3.56 11.80 -38.17
CA MET B 34 -2.74 10.89 -37.39
C MET B 34 -3.39 10.76 -36.00
N SER B 35 -3.37 9.55 -35.45
CA SER B 35 -3.93 9.31 -34.12
C SER B 35 -2.92 8.75 -33.16
N TRP B 36 -3.13 9.03 -31.88
CA TRP B 36 -2.28 8.49 -30.83
C TRP B 36 -3.18 7.58 -30.01
N VAL B 37 -2.71 6.37 -29.75
CA VAL B 37 -3.47 5.39 -28.98
C VAL B 37 -2.54 4.73 -27.97
N ARG B 38 -3.04 4.42 -26.78
CA ARG B 38 -2.18 3.78 -25.80
C ARG B 38 -2.82 2.52 -25.24
N GLN B 39 -1.99 1.71 -24.59
CA GLN B 39 -2.44 0.45 -24.02
C GLN B 39 -1.62 0.14 -22.79
N PRO B 40 -2.11 0.51 -21.60
CA PRO B 40 -1.34 0.22 -20.38
C PRO B 40 -1.16 -1.30 -20.28
N PRO B 41 -0.04 -1.76 -19.71
CA PRO B 41 0.17 -3.21 -19.60
C PRO B 41 -1.05 -4.00 -19.15
N GLY B 42 -1.35 -5.06 -19.90
CA GLY B 42 -2.46 -5.91 -19.58
C GLY B 42 -3.85 -5.32 -19.69
N LYS B 43 -4.01 -4.12 -20.24
CA LYS B 43 -5.37 -3.62 -20.36
C LYS B 43 -5.71 -3.29 -21.82
N ALA B 44 -6.85 -2.63 -21.99
CA ALA B 44 -7.38 -2.28 -23.31
C ALA B 44 -6.72 -1.10 -24.05
N LEU B 45 -6.99 -1.02 -25.34
CA LEU B 45 -6.49 0.06 -26.16
C LEU B 45 -7.31 1.29 -25.78
N GLU B 46 -6.69 2.46 -25.92
CA GLU B 46 -7.37 3.71 -25.61
C GLU B 46 -7.00 4.78 -26.64
N TRP B 47 -8.01 5.37 -27.26
CA TRP B 47 -7.76 6.42 -28.24
C TRP B 47 -7.60 7.72 -27.45
N LEU B 48 -6.51 8.45 -27.71
CA LEU B 48 -6.25 9.70 -27.00
C LEU B 48 -6.59 10.94 -27.82
N GLY B 49 -6.47 10.83 -29.13
CA GLY B 49 -6.76 11.97 -29.98
C GLY B 49 -6.16 11.84 -31.36
N LEU B 50 -6.28 12.92 -32.12
CA LEU B 50 -5.74 12.93 -33.47
C LEU B 50 -5.55 14.36 -33.94
N ILE B 51 -4.86 14.48 -35.08
CA ILE B 51 -4.63 15.77 -35.69
C ILE B 51 -4.95 15.53 -37.15
N ARG B 52 -5.66 16.47 -37.75
CA ARG B 52 -6.06 16.34 -39.15
C ARG B 52 -5.00 16.78 -40.17
N ASN B 53 -5.32 16.58 -41.44
CA ASN B 53 -4.42 16.94 -42.53
C ASN B 53 -4.40 18.45 -42.80
N LYS B 54 -3.67 18.84 -43.84
CA LYS B 54 -3.47 20.25 -44.21
C LYS B 54 -4.63 20.81 -45.04
N ALA B 55 -5.60 19.95 -45.34
CA ALA B 55 -6.77 20.38 -46.08
C ALA B 55 -7.73 20.83 -44.99
N ASN B 56 -7.60 20.19 -43.83
CA ASN B 56 -8.43 20.46 -42.66
C ASN B 56 -7.78 21.41 -41.67
N GLY B 57 -6.78 22.15 -42.12
CA GLY B 57 -6.11 23.11 -41.26
C GLY B 57 -5.37 22.55 -40.06
N TYR B 58 -4.95 21.30 -40.17
CA TYR B 58 -4.22 20.64 -39.09
C TYR B 58 -4.90 20.83 -37.75
N THR B 59 -6.23 20.69 -37.67
CA THR B 59 -6.92 20.87 -36.38
C THR B 59 -6.72 19.65 -35.48
N LYS B 60 -7.07 19.79 -34.21
CA LYS B 60 -6.82 18.68 -33.30
C LYS B 60 -8.09 18.33 -32.52
N GLU B 61 -8.13 17.03 -32.17
CA GLU B 61 -9.24 16.44 -31.41
C GLU B 61 -8.64 15.65 -30.24
N TYR B 62 -9.29 15.68 -29.07
CA TYR B 62 -8.77 15.00 -27.89
C TYR B 62 -9.77 14.19 -27.08
N SER B 63 -9.25 13.16 -26.43
CA SER B 63 -10.04 12.30 -25.56
C SER B 63 -10.20 13.09 -24.27
N ALA B 64 -11.27 12.82 -23.52
CA ALA B 64 -11.50 13.56 -22.29
C ALA B 64 -10.52 13.20 -21.19
N SER B 65 -9.91 12.02 -21.30
CA SER B 65 -8.96 11.58 -20.30
C SER B 65 -7.64 12.33 -20.30
N VAL B 66 -7.37 13.12 -21.34
CA VAL B 66 -6.11 13.85 -21.41
C VAL B 66 -6.22 15.28 -21.94
N LYS B 67 -7.42 15.70 -22.32
CA LYS B 67 -7.59 17.07 -22.81
C LYS B 67 -7.21 18.04 -21.68
N GLY B 68 -6.40 19.03 -22.03
CA GLY B 68 -5.94 20.00 -21.05
C GLY B 68 -4.58 19.62 -20.51
N ARG B 69 -4.16 18.38 -20.73
CA ARG B 69 -2.86 17.90 -20.27
C ARG B 69 -1.94 17.52 -21.42
N PHE B 70 -2.52 16.94 -22.47
CA PHE B 70 -1.76 16.49 -23.64
C PHE B 70 -1.95 17.32 -24.88
N THR B 71 -0.86 17.60 -25.57
CA THR B 71 -0.93 18.37 -26.80
C THR B 71 -0.31 17.60 -27.95
N ILE B 72 -1.08 17.44 -29.03
CA ILE B 72 -0.57 16.74 -30.19
C ILE B 72 -0.08 17.82 -31.15
N SER B 73 0.87 17.47 -32.01
CA SER B 73 1.38 18.43 -32.98
C SER B 73 2.20 17.68 -34.02
N ARG B 74 2.66 18.40 -35.03
CA ARG B 74 3.43 17.74 -36.07
C ARG B 74 4.45 18.65 -36.75
N ASP B 75 5.42 18.01 -37.38
CA ASP B 75 6.48 18.68 -38.12
C ASP B 75 6.25 18.24 -39.55
N ASN B 76 5.58 19.06 -40.34
CA ASN B 76 5.30 18.74 -41.72
C ASN B 76 6.53 18.87 -42.65
N SER B 77 7.65 19.28 -42.09
CA SER B 77 8.88 19.43 -42.84
C SER B 77 9.69 18.15 -42.77
N GLN B 78 9.61 17.48 -41.62
CA GLN B 78 10.35 16.24 -41.38
C GLN B 78 9.43 15.02 -41.28
N SER B 79 8.13 15.26 -41.30
CA SER B 79 7.13 14.21 -41.20
C SER B 79 7.08 13.53 -39.83
N ILE B 80 7.26 14.30 -38.77
CA ILE B 80 7.22 13.73 -37.41
C ILE B 80 5.92 14.06 -36.66
N LEU B 81 5.30 13.07 -36.01
CA LEU B 81 4.09 13.33 -35.23
C LEU B 81 4.52 13.43 -33.77
N TYR B 82 3.99 14.42 -33.05
CA TYR B 82 4.37 14.63 -31.64
C TYR B 82 3.21 14.60 -30.63
N LEU B 83 3.54 14.19 -29.41
CA LEU B 83 2.55 14.14 -28.33
C LEU B 83 3.17 14.76 -27.09
N GLN B 84 2.74 15.96 -26.76
CA GLN B 84 3.24 16.67 -25.60
C GLN B 84 2.43 16.25 -24.38
N MET B 85 3.09 15.56 -23.45
CA MET B 85 2.42 15.11 -22.24
C MET B 85 2.90 15.87 -20.99
N ASN B 86 2.00 16.64 -20.37
CA ASN B 86 2.34 17.37 -19.17
C ASN B 86 1.56 16.82 -17.98
N ALA B 87 2.09 16.99 -16.78
CA ALA B 87 1.45 16.51 -15.57
C ALA B 87 1.02 15.05 -15.73
N LEU B 88 1.99 14.15 -15.71
CA LEU B 88 1.72 12.72 -15.88
C LEU B 88 1.33 11.98 -14.61
N ARG B 89 0.29 11.15 -14.71
CA ARG B 89 -0.19 10.37 -13.56
C ARG B 89 0.09 8.88 -13.78
N ALA B 90 -0.12 8.09 -12.74
CA ALA B 90 0.12 6.65 -12.80
C ALA B 90 -0.66 6.03 -13.95
N GLU B 91 -1.87 6.51 -14.19
CA GLU B 91 -2.71 5.99 -15.27
C GLU B 91 -2.11 6.25 -16.66
N ASP B 92 -1.21 7.21 -16.75
CA ASP B 92 -0.58 7.54 -18.02
C ASP B 92 0.48 6.52 -18.43
N SER B 93 0.73 5.53 -17.58
CA SER B 93 1.73 4.51 -17.89
C SER B 93 1.22 3.49 -18.90
N ALA B 94 1.85 3.45 -20.08
CA ALA B 94 1.43 2.52 -21.13
C ALA B 94 2.32 2.53 -22.37
N THR B 95 1.92 1.73 -23.36
CA THR B 95 2.63 1.67 -24.64
C THR B 95 1.85 2.60 -25.57
N TYR B 96 2.54 3.56 -26.16
CA TYR B 96 1.90 4.53 -27.05
C TYR B 96 2.11 4.23 -28.56
N TYR B 97 1.03 4.37 -29.32
CA TYR B 97 1.02 4.05 -30.74
C TYR B 97 0.54 5.18 -31.67
N CYS B 98 1.26 5.44 -32.76
CA CYS B 98 0.78 6.44 -33.72
C CYS B 98 0.16 5.64 -34.84
N VAL B 99 -0.93 6.16 -35.39
CA VAL B 99 -1.66 5.49 -36.45
C VAL B 99 -1.98 6.43 -37.60
N ARG B 100 -1.86 5.93 -38.82
CA ARG B 100 -2.19 6.78 -39.95
C ARG B 100 -3.70 6.76 -39.99
N ASP B 101 -4.29 7.91 -39.71
CA ASP B 101 -5.74 8.06 -39.68
C ASP B 101 -6.27 8.30 -41.11
N LYS B 102 -7.44 8.92 -41.28
CA LYS B 102 -7.98 9.14 -42.63
C LYS B 102 -7.22 10.08 -43.51
N GLY B 103 -7.53 9.93 -44.80
CA GLY B 103 -6.95 10.75 -45.85
C GLY B 103 -8.06 11.38 -46.67
N SER B 104 -7.66 12.21 -47.63
CA SER B 104 -8.60 12.95 -48.48
C SER B 104 -9.27 12.09 -49.56
N TYR B 105 -9.60 10.85 -49.24
CA TYR B 105 -10.26 9.99 -50.22
C TYR B 105 -11.24 9.04 -49.56
N GLY B 106 -11.37 7.87 -50.16
CA GLY B 106 -12.26 6.85 -49.63
C GLY B 106 -11.50 5.54 -49.54
N ASN B 107 -10.26 5.61 -49.08
CA ASN B 107 -9.46 4.40 -48.94
C ASN B 107 -9.64 3.84 -47.53
N TYR B 108 -10.89 3.89 -47.05
CA TYR B 108 -11.26 3.41 -45.72
C TYR B 108 -10.54 2.14 -45.27
N GLU B 109 -10.40 1.17 -46.16
CA GLU B 109 -9.74 -0.08 -45.81
C GLU B 109 -8.36 0.16 -45.20
N ALA B 110 -7.81 1.35 -45.43
CA ALA B 110 -6.48 1.65 -44.91
C ALA B 110 -6.50 2.49 -43.64
N TRP B 111 -7.62 3.11 -43.33
CA TRP B 111 -7.68 3.92 -42.13
C TRP B 111 -7.38 3.06 -40.92
N PHE B 112 -6.53 3.55 -40.03
CA PHE B 112 -6.15 2.77 -38.86
C PHE B 112 -5.55 1.41 -39.20
N ALA B 113 -5.06 1.25 -40.43
CA ALA B 113 -4.45 0.00 -40.84
C ALA B 113 -2.97 -0.01 -40.43
N TYR B 114 -2.38 1.17 -40.33
CA TYR B 114 -0.96 1.29 -39.97
C TYR B 114 -0.71 1.82 -38.57
N TRP B 115 0.00 1.03 -37.77
CA TRP B 115 0.38 1.41 -36.41
C TRP B 115 1.88 1.32 -36.32
N GLY B 116 2.44 1.96 -35.30
CA GLY B 116 3.87 1.89 -35.05
C GLY B 116 4.10 0.72 -34.11
N GLN B 117 5.36 0.43 -33.77
CA GLN B 117 5.65 -0.70 -32.88
C GLN B 117 5.39 -0.33 -31.41
N GLY B 118 5.27 0.97 -31.14
CA GLY B 118 4.98 1.42 -29.78
C GLY B 118 6.16 1.81 -28.92
N THR B 119 5.91 2.66 -27.93
CA THR B 119 6.94 3.11 -27.00
C THR B 119 6.37 3.13 -25.57
N THR B 120 7.09 2.50 -24.63
CA THR B 120 6.66 2.38 -23.24
C THR B 120 6.91 3.58 -22.34
N VAL B 121 5.83 4.19 -21.87
CA VAL B 121 5.95 5.32 -20.98
C VAL B 121 5.66 4.81 -19.57
N THR B 122 6.57 5.08 -18.65
CA THR B 122 6.38 4.67 -17.26
C THR B 122 6.46 5.88 -16.32
N VAL B 123 5.33 6.25 -15.73
CA VAL B 123 5.28 7.39 -14.82
C VAL B 123 5.32 6.90 -13.39
N SER B 124 6.45 7.09 -12.74
CA SER B 124 6.63 6.67 -11.36
C SER B 124 7.75 7.47 -10.69
N SER B 125 7.68 7.57 -9.38
CA SER B 125 8.69 8.28 -8.61
C SER B 125 9.87 7.35 -8.30
N ALA B 126 9.70 6.06 -8.56
CA ALA B 126 10.73 5.05 -8.33
C ALA B 126 11.98 5.41 -9.15
N LYS B 127 13.15 5.03 -8.65
CA LYS B 127 14.42 5.38 -9.32
C LYS B 127 14.94 4.24 -10.20
N THR B 128 15.33 4.64 -11.41
CA THR B 128 15.88 3.75 -12.44
C THR B 128 16.95 2.86 -11.82
N THR B 129 16.79 1.55 -12.00
CA THR B 129 17.76 0.62 -11.45
C THR B 129 18.28 -0.33 -12.52
N PRO B 130 19.62 -0.45 -12.66
CA PRO B 130 20.13 -1.37 -13.67
C PRO B 130 19.85 -2.78 -13.19
N PRO B 131 19.69 -3.73 -14.13
CA PRO B 131 19.42 -5.11 -13.75
C PRO B 131 20.65 -5.90 -13.36
N SER B 132 20.41 -7.07 -12.78
CA SER B 132 21.48 -7.98 -12.41
C SER B 132 21.18 -9.20 -13.26
N VAL B 133 22.16 -9.67 -14.01
CA VAL B 133 21.95 -10.81 -14.88
C VAL B 133 22.71 -12.06 -14.44
N TYR B 134 21.95 -13.10 -14.08
CA TYR B 134 22.55 -14.34 -13.60
C TYR B 134 22.37 -15.52 -14.52
N PRO B 135 23.32 -16.48 -14.47
CA PRO B 135 23.32 -17.70 -15.29
C PRO B 135 22.34 -18.74 -14.75
N LEU B 136 21.61 -19.36 -15.66
CA LEU B 136 20.67 -20.42 -15.28
C LEU B 136 21.13 -21.67 -16.05
N ALA B 137 22.01 -22.44 -15.41
CA ALA B 137 22.55 -23.66 -15.99
C ALA B 137 22.21 -24.85 -15.11
N PRO B 138 22.06 -26.04 -15.72
CA PRO B 138 21.73 -27.26 -14.99
C PRO B 138 22.91 -27.76 -14.14
N GLY B 139 22.59 -28.59 -13.16
CA GLY B 139 23.62 -29.15 -12.30
C GLY B 139 24.04 -30.55 -12.71
N SER B 140 23.08 -31.47 -12.74
CA SER B 140 23.35 -32.87 -13.10
C SER B 140 22.77 -33.21 -14.48
N GLN B 143 22.01 -34.76 -17.68
CA GLN B 143 22.67 -35.11 -18.93
C GLN B 143 21.96 -36.27 -19.61
N THR B 144 21.20 -37.03 -18.85
CA THR B 144 20.47 -38.18 -19.40
C THR B 144 19.31 -37.71 -20.28
N ASN B 145 19.41 -36.49 -20.80
CA ASN B 145 18.39 -35.93 -21.66
C ASN B 145 18.96 -35.56 -23.03
N SER B 146 18.10 -35.50 -24.04
CA SER B 146 18.51 -35.16 -25.41
C SER B 146 18.54 -33.64 -25.59
N MET B 147 17.49 -32.97 -25.10
CA MET B 147 17.41 -31.52 -25.20
C MET B 147 17.72 -30.97 -23.82
N VAL B 148 18.57 -29.95 -23.76
CA VAL B 148 18.93 -29.35 -22.49
C VAL B 148 18.54 -27.87 -22.49
N THR B 149 17.81 -27.47 -21.44
CA THR B 149 17.35 -26.09 -21.32
C THR B 149 18.20 -25.26 -20.36
N LEU B 150 18.58 -24.05 -20.81
CA LEU B 150 19.39 -23.12 -20.01
C LEU B 150 18.61 -21.82 -19.92
N GLY B 151 19.15 -20.85 -19.17
CA GLY B 151 18.46 -19.58 -19.06
C GLY B 151 19.24 -18.48 -18.36
N CYS B 152 18.64 -17.30 -18.31
CA CYS B 152 19.25 -16.15 -17.67
C CYS B 152 18.22 -15.51 -16.76
N LEU B 153 18.68 -15.01 -15.61
CA LEU B 153 17.79 -14.38 -14.65
C LEU B 153 18.14 -12.89 -14.59
N VAL B 154 17.15 -12.04 -14.87
CA VAL B 154 17.36 -10.59 -14.84
C VAL B 154 16.50 -9.99 -13.74
N LYS B 155 17.13 -9.57 -12.64
CA LYS B 155 16.37 -9.00 -11.52
C LYS B 155 16.76 -7.60 -11.03
N GLY B 156 15.88 -7.07 -10.18
CA GLY B 156 16.08 -5.75 -9.59
C GLY B 156 16.24 -4.57 -10.53
N TYR B 157 15.56 -4.60 -11.68
CA TYR B 157 15.68 -3.48 -12.64
C TYR B 157 14.44 -2.61 -12.74
N PHE B 158 14.62 -1.39 -13.23
CA PHE B 158 13.49 -0.47 -13.38
C PHE B 158 13.83 0.70 -14.29
N PRO B 159 12.92 1.01 -15.21
CA PRO B 159 11.65 0.30 -15.39
C PRO B 159 11.77 -0.69 -16.55
N GLU B 160 10.63 -0.98 -17.17
CA GLU B 160 10.60 -1.86 -18.33
C GLU B 160 11.01 -0.94 -19.49
N PRO B 161 11.39 -1.51 -20.63
CA PRO B 161 11.45 -2.95 -20.85
C PRO B 161 12.89 -3.39 -21.07
N VAL B 162 13.19 -4.63 -20.71
CA VAL B 162 14.51 -5.17 -20.97
C VAL B 162 14.36 -5.94 -22.27
N THR B 163 15.47 -6.35 -22.84
CA THR B 163 15.41 -7.09 -24.09
C THR B 163 16.39 -8.26 -23.93
N VAL B 164 15.99 -9.44 -24.38
CA VAL B 164 16.85 -10.62 -24.27
C VAL B 164 16.92 -11.42 -25.57
N THR B 165 18.12 -11.89 -25.88
CA THR B 165 18.34 -12.70 -27.07
C THR B 165 19.47 -13.68 -26.75
N TRP B 166 19.57 -14.76 -27.50
CA TRP B 166 20.62 -15.74 -27.25
C TRP B 166 21.60 -15.81 -28.40
N ASN B 167 22.89 -15.97 -28.08
CA ASN B 167 23.95 -16.01 -29.08
C ASN B 167 23.72 -14.94 -30.13
N SER B 168 23.59 -13.69 -29.66
CA SER B 168 23.37 -12.54 -30.53
C SER B 168 22.06 -12.61 -31.30
N GLY B 169 21.33 -13.71 -31.15
CA GLY B 169 20.08 -13.86 -31.85
C GLY B 169 20.10 -14.98 -32.88
N SER B 170 21.29 -15.45 -33.22
CA SER B 170 21.38 -16.51 -34.21
C SER B 170 20.56 -17.68 -33.69
N LEU B 171 20.45 -17.75 -32.36
CA LEU B 171 19.70 -18.80 -31.66
C LEU B 171 18.31 -18.24 -31.37
N SER B 172 17.36 -18.47 -32.27
CA SER B 172 16.01 -17.92 -32.13
C SER B 172 14.90 -18.90 -31.80
N SER B 173 15.15 -20.19 -32.00
CA SER B 173 14.14 -21.20 -31.71
C SER B 173 14.24 -21.68 -30.26
N GLY B 174 13.18 -22.33 -29.78
CA GLY B 174 13.17 -22.84 -28.42
C GLY B 174 13.54 -21.78 -27.42
N VAL B 175 12.90 -20.62 -27.52
CA VAL B 175 13.15 -19.54 -26.59
C VAL B 175 11.88 -19.08 -25.90
N HIS B 176 12.00 -18.77 -24.62
CA HIS B 176 10.89 -18.30 -23.81
C HIS B 176 11.35 -17.19 -22.89
N THR B 177 10.76 -16.01 -23.06
CA THR B 177 11.07 -14.88 -22.19
C THR B 177 9.76 -14.63 -21.48
N PHE B 178 9.79 -14.80 -20.17
CA PHE B 178 8.58 -14.63 -19.38
C PHE B 178 8.28 -13.19 -19.04
N PRO B 179 6.99 -12.85 -18.94
CA PRO B 179 6.64 -11.48 -18.59
C PRO B 179 7.34 -11.13 -17.28
N ALA B 180 7.67 -9.87 -17.10
CA ALA B 180 8.33 -9.45 -15.87
C ALA B 180 7.32 -9.35 -14.73
N VAL B 181 7.80 -9.53 -13.51
CA VAL B 181 6.95 -9.45 -12.33
C VAL B 181 7.48 -8.31 -11.48
N LEU B 182 6.61 -7.35 -11.16
CA LEU B 182 7.00 -6.20 -10.37
C LEU B 182 6.88 -6.46 -8.88
N GLN B 183 7.86 -6.00 -8.12
CA GLN B 183 7.89 -6.20 -6.68
C GLN B 183 8.79 -5.17 -6.00
N SER B 184 8.20 -4.32 -5.18
CA SER B 184 8.97 -3.30 -4.48
C SER B 184 9.66 -2.41 -5.52
N ASP B 185 8.86 -1.90 -6.46
CA ASP B 185 9.36 -1.03 -7.51
C ASP B 185 10.58 -1.61 -8.26
N LEU B 186 10.64 -2.94 -8.34
CA LEU B 186 11.75 -3.63 -9.03
C LEU B 186 11.24 -4.84 -9.82
N TYR B 187 11.61 -4.89 -11.10
CA TYR B 187 11.19 -5.97 -11.97
C TYR B 187 12.18 -7.12 -11.99
N THR B 188 11.68 -8.27 -12.43
CA THR B 188 12.45 -9.49 -12.56
C THR B 188 11.82 -10.37 -13.63
N LEU B 189 12.66 -10.87 -14.52
CA LEU B 189 12.17 -11.77 -15.55
C LEU B 189 13.29 -12.73 -15.90
N SER B 190 12.91 -13.88 -16.43
CA SER B 190 13.91 -14.87 -16.82
C SER B 190 13.60 -15.26 -18.24
N SER B 191 14.58 -15.82 -18.92
CA SER B 191 14.38 -16.23 -20.29
C SER B 191 15.02 -17.59 -20.43
N SER B 192 14.26 -18.54 -20.97
CA SER B 192 14.77 -19.87 -21.12
C SER B 192 14.97 -20.17 -22.59
N VAL B 193 16.01 -20.96 -22.86
CA VAL B 193 16.33 -21.37 -24.21
C VAL B 193 16.61 -22.87 -24.16
N THR B 194 16.10 -23.59 -25.15
CA THR B 194 16.28 -25.03 -25.22
C THR B 194 17.18 -25.40 -26.40
N VAL B 195 18.19 -26.21 -26.12
CA VAL B 195 19.11 -26.63 -27.15
C VAL B 195 19.45 -28.11 -27.04
N PRO B 196 19.66 -28.77 -28.17
CA PRO B 196 20.00 -30.19 -28.18
C PRO B 196 21.26 -30.43 -27.36
N SER B 197 21.22 -31.47 -26.52
CA SER B 197 22.34 -31.84 -25.67
C SER B 197 23.70 -31.76 -26.37
N SER B 198 23.71 -32.00 -27.66
CA SER B 198 24.97 -31.97 -28.42
C SER B 198 25.72 -30.65 -28.29
N PRO B 199 25.21 -29.56 -28.92
CA PRO B 199 25.87 -28.26 -28.88
C PRO B 199 26.42 -27.88 -27.50
N ARG B 200 25.54 -27.36 -26.64
CA ARG B 200 25.95 -26.95 -25.30
C ARG B 200 26.14 -28.18 -24.41
N PRO B 201 27.21 -28.20 -23.59
CA PRO B 201 28.25 -27.17 -23.43
C PRO B 201 29.38 -27.12 -24.47
N SER B 202 29.38 -28.06 -25.41
CA SER B 202 30.41 -28.05 -26.44
C SER B 202 30.50 -26.67 -27.08
N GLU B 203 29.40 -26.24 -27.70
CA GLU B 203 29.34 -24.95 -28.36
C GLU B 203 28.62 -23.87 -27.54
N THR B 204 29.40 -23.00 -26.93
CA THR B 204 28.91 -21.90 -26.11
C THR B 204 27.48 -21.39 -26.32
N VAL B 205 26.88 -20.94 -25.22
CA VAL B 205 25.53 -20.40 -25.17
C VAL B 205 25.60 -19.10 -24.36
N THR B 206 25.08 -18.02 -24.92
CA THR B 206 25.13 -16.74 -24.22
C THR B 206 23.82 -16.03 -24.37
N CYS B 207 23.42 -15.31 -23.32
CA CYS B 207 22.19 -14.54 -23.39
C CYS B 207 22.64 -13.10 -23.46
N ASN B 208 21.94 -12.31 -24.26
CA ASN B 208 22.27 -10.91 -24.45
C ASN B 208 21.14 -10.10 -23.83
N VAL B 209 21.47 -9.43 -22.73
CA VAL B 209 20.50 -8.64 -22.00
C VAL B 209 20.79 -7.15 -22.18
N ALA B 210 19.76 -6.42 -22.59
CA ALA B 210 19.88 -4.97 -22.79
C ALA B 210 18.74 -4.24 -22.09
N HIS B 211 19.11 -3.25 -21.29
CA HIS B 211 18.15 -2.44 -20.54
C HIS B 211 18.45 -0.97 -20.82
N PRO B 212 18.04 -0.48 -22.00
CA PRO B 212 18.25 0.90 -22.43
C PRO B 212 17.89 1.96 -21.41
N ALA B 213 16.86 1.70 -20.60
CA ALA B 213 16.42 2.67 -19.58
C ALA B 213 17.53 3.07 -18.62
N SER B 214 18.49 2.18 -18.38
CA SER B 214 19.61 2.50 -17.49
C SER B 214 20.94 2.30 -18.21
N SER B 215 20.87 2.34 -19.55
CA SER B 215 22.02 2.13 -20.43
C SER B 215 22.90 0.98 -19.95
N THR B 216 22.22 -0.14 -19.68
CA THR B 216 22.85 -1.35 -19.22
C THR B 216 22.80 -2.37 -20.34
N LYS B 217 23.93 -3.01 -20.61
CA LYS B 217 24.02 -4.02 -21.64
C LYS B 217 25.00 -5.07 -21.13
N VAL B 218 24.53 -6.28 -20.87
CA VAL B 218 25.46 -7.29 -20.39
C VAL B 218 25.32 -8.61 -21.12
N ASP B 219 26.37 -9.41 -21.09
CA ASP B 219 26.35 -10.72 -21.70
C ASP B 219 26.81 -11.71 -20.63
N LYS B 220 26.06 -12.79 -20.47
CA LYS B 220 26.43 -13.83 -19.52
C LYS B 220 26.53 -15.19 -20.21
N LYS B 221 27.73 -15.70 -20.35
CA LYS B 221 27.90 -16.99 -20.97
C LYS B 221 27.51 -17.98 -19.87
N ILE B 222 26.71 -18.98 -20.25
CA ILE B 222 26.27 -19.98 -19.31
C ILE B 222 27.20 -21.18 -19.30
N VAL B 223 27.94 -21.31 -18.21
CA VAL B 223 28.91 -22.39 -18.01
C VAL B 223 28.36 -23.46 -17.06
N PRO B 224 28.51 -24.74 -17.45
CA PRO B 224 28.03 -25.87 -16.64
C PRO B 224 28.64 -25.92 -15.23
N ARG B 225 27.89 -26.51 -14.31
CA ARG B 225 28.30 -26.63 -12.92
C ARG B 225 28.88 -28.02 -12.67
N ASP B 226 31.94 -26.73 -12.50
CA ASP B 226 31.90 -28.14 -12.11
C ASP B 226 32.54 -28.42 -10.75
N GLU C 1 -1.12 -9.09 44.32
CA GLU C 1 -1.06 -8.02 43.28
C GLU C 1 -1.97 -6.82 43.60
N VAL C 2 -1.42 -5.60 43.57
CA VAL C 2 -2.21 -4.40 43.83
C VAL C 2 -3.03 -4.06 42.59
N LYS C 3 -4.34 -3.89 42.78
CA LYS C 3 -5.22 -3.62 41.66
C LYS C 3 -6.18 -2.44 41.90
N LEU C 4 -6.21 -1.51 40.95
CA LEU C 4 -7.08 -0.34 41.02
C LEU C 4 -7.94 -0.33 39.76
N GLN C 5 -9.25 -0.28 39.94
CA GLN C 5 -10.16 -0.29 38.80
C GLN C 5 -11.24 0.78 38.83
N GLU C 6 -11.15 1.75 37.93
CA GLU C 6 -12.15 2.81 37.89
C GLU C 6 -13.25 2.47 36.88
N SER C 7 -14.47 2.88 37.19
CA SER C 7 -15.60 2.67 36.29
C SER C 7 -16.52 3.89 36.44
N GLY C 8 -17.55 3.95 35.61
CA GLY C 8 -18.49 5.07 35.69
C GLY C 8 -18.40 6.05 34.54
N GLY C 9 -17.21 6.20 33.98
CA GLY C 9 -17.01 7.12 32.86
C GLY C 9 -17.96 6.92 31.70
N GLY C 10 -18.17 7.98 30.94
CA GLY C 10 -19.07 7.94 29.81
C GLY C 10 -19.52 9.35 29.43
N LEU C 11 -20.56 9.45 28.60
CA LEU C 11 -21.05 10.76 28.19
C LEU C 11 -21.91 11.42 29.27
N VAL C 12 -21.78 12.74 29.40
CA VAL C 12 -22.55 13.50 30.37
C VAL C 12 -22.91 14.87 29.83
N GLN C 13 -24.14 15.28 30.06
CA GLN C 13 -24.60 16.58 29.59
C GLN C 13 -24.16 17.71 30.50
N PRO C 14 -23.80 18.87 29.92
CA PRO C 14 -23.35 20.07 30.63
C PRO C 14 -24.33 20.45 31.73
N GLY C 15 -23.90 20.32 32.98
CA GLY C 15 -24.77 20.67 34.09
C GLY C 15 -25.21 19.48 34.93
N HIS C 16 -25.19 18.29 34.35
CA HIS C 16 -25.61 17.12 35.08
C HIS C 16 -24.51 16.55 35.97
N SER C 17 -24.85 15.51 36.74
CA SER C 17 -23.90 14.90 37.66
C SER C 17 -23.34 13.59 37.14
N LEU C 18 -22.44 13.01 37.92
CA LEU C 18 -21.80 11.74 37.58
C LEU C 18 -20.93 11.25 38.72
N ARG C 19 -21.15 10.01 39.15
CA ARG C 19 -20.38 9.43 40.26
C ARG C 19 -19.44 8.40 39.67
N LEU C 20 -18.19 8.39 40.12
CA LEU C 20 -17.21 7.44 39.61
C LEU C 20 -16.75 6.47 40.68
N SER C 21 -16.40 5.26 40.26
CA SER C 21 -15.94 4.24 41.20
C SER C 21 -14.51 3.81 40.94
N CYS C 22 -13.92 3.20 41.95
CA CYS C 22 -12.57 2.66 41.83
C CYS C 22 -12.50 1.43 42.73
N ALA C 23 -12.60 0.25 42.13
CA ALA C 23 -12.53 -1.00 42.88
C ALA C 23 -11.06 -1.27 43.18
N THR C 24 -10.79 -1.77 44.39
CA THR C 24 -9.41 -2.07 44.80
C THR C 24 -9.30 -3.45 45.46
N SER C 25 -8.10 -4.02 45.41
CA SER C 25 -7.83 -5.32 46.02
C SER C 25 -6.31 -5.54 46.06
N GLY C 26 -5.90 -6.57 46.81
CA GLY C 26 -4.48 -6.88 46.91
C GLY C 26 -3.76 -6.12 48.02
N PHE C 27 -4.53 -5.39 48.82
CA PHE C 27 -3.97 -4.64 49.94
C PHE C 27 -5.11 -4.23 50.88
N THR C 28 -4.75 -3.78 52.08
CA THR C 28 -5.73 -3.36 53.06
C THR C 28 -6.13 -1.91 52.77
N PHE C 29 -7.27 -1.76 52.10
CA PHE C 29 -7.81 -0.47 51.72
C PHE C 29 -7.81 0.58 52.86
N THR C 30 -8.26 0.18 54.04
CA THR C 30 -8.32 1.09 55.17
C THR C 30 -6.96 1.65 55.63
N ASP C 31 -5.87 1.01 55.23
CA ASP C 31 -4.54 1.50 55.63
C ASP C 31 -4.04 2.68 54.78
N TYR C 32 -4.63 2.92 53.62
CA TYR C 32 -4.14 3.98 52.75
C TYR C 32 -5.05 5.13 52.38
N TYR C 33 -4.45 6.29 52.15
CA TYR C 33 -5.16 7.47 51.70
C TYR C 33 -5.39 7.12 50.24
N MET C 34 -6.40 7.71 49.61
CA MET C 34 -6.62 7.45 48.20
C MET C 34 -6.80 8.81 47.52
N SER C 35 -6.03 9.05 46.46
CA SER C 35 -6.12 10.30 45.75
C SER C 35 -6.85 10.09 44.44
N TRP C 36 -7.29 11.20 43.84
CA TRP C 36 -7.96 11.16 42.55
C TRP C 36 -7.22 12.15 41.66
N VAL C 37 -6.95 11.78 40.42
CA VAL C 37 -6.24 12.65 39.50
C VAL C 37 -6.85 12.53 38.13
N ARG C 38 -6.86 13.64 37.38
CA ARG C 38 -7.42 13.63 36.05
C ARG C 38 -6.49 14.26 35.02
N GLN C 39 -6.79 14.00 33.74
CA GLN C 39 -5.99 14.53 32.65
C GLN C 39 -6.81 14.68 31.37
N PRO C 40 -7.16 15.93 31.02
CA PRO C 40 -7.94 16.09 29.79
C PRO C 40 -7.09 15.66 28.60
N PRO C 41 -7.71 15.07 27.57
CA PRO C 41 -6.97 14.61 26.39
C PRO C 41 -5.91 15.61 25.96
N GLY C 42 -4.68 15.12 25.77
CA GLY C 42 -3.58 15.98 25.37
C GLY C 42 -3.08 16.99 26.38
N LYS C 43 -3.59 16.95 27.61
CA LYS C 43 -3.14 17.92 28.61
C LYS C 43 -2.33 17.31 29.76
N ALA C 44 -1.98 18.16 30.71
CA ALA C 44 -1.19 17.75 31.87
C ALA C 44 -2.05 17.20 32.99
N LEU C 45 -1.45 16.32 33.79
CA LEU C 45 -2.11 15.69 34.92
C LEU C 45 -2.52 16.76 35.92
N GLU C 46 -3.68 16.58 36.53
CA GLU C 46 -4.20 17.52 37.52
C GLU C 46 -4.66 16.77 38.78
N TRP C 47 -4.30 17.28 39.95
CA TRP C 47 -4.70 16.65 41.21
C TRP C 47 -6.07 17.19 41.68
N LEU C 48 -7.02 16.28 41.87
CA LEU C 48 -8.37 16.63 42.29
C LEU C 48 -8.61 16.60 43.81
N GLY C 49 -7.93 15.67 44.49
CA GLY C 49 -8.07 15.57 45.94
C GLY C 49 -7.75 14.20 46.50
N LEU C 50 -8.07 13.97 47.76
CA LEU C 50 -7.79 12.69 48.38
C LEU C 50 -8.56 12.50 49.67
N ILE C 51 -8.58 11.26 50.15
CA ILE C 51 -9.24 10.92 51.40
C ILE C 51 -8.21 10.15 52.21
N ARG C 52 -8.09 10.52 53.48
CA ARG C 52 -7.13 9.88 54.37
C ARG C 52 -7.55 8.47 54.78
N ASN C 53 -6.71 7.80 55.56
CA ASN C 53 -7.02 6.43 56.01
C ASN C 53 -7.70 6.38 57.38
N LYS C 54 -8.23 5.22 57.73
CA LYS C 54 -8.87 5.03 59.03
C LYS C 54 -8.37 6.05 60.05
N ALA C 55 -7.14 5.78 60.49
CA ALA C 55 -6.40 6.53 61.51
C ALA C 55 -6.62 8.03 61.50
N ASN C 56 -6.78 8.58 60.31
CA ASN C 56 -7.01 10.00 60.15
C ASN C 56 -8.51 10.22 59.93
N GLY C 57 -9.29 9.32 60.51
CA GLY C 57 -10.74 9.39 60.43
C GLY C 57 -11.29 9.60 59.03
N TYR C 58 -10.59 9.11 58.03
CA TYR C 58 -11.06 9.26 56.65
C TYR C 58 -11.38 10.72 56.33
N THR C 59 -10.50 11.65 56.66
CA THR C 59 -10.74 13.04 56.34
C THR C 59 -10.38 13.26 54.88
N LYS C 60 -10.73 14.42 54.34
CA LYS C 60 -10.51 14.67 52.90
C LYS C 60 -9.92 16.06 52.64
N GLU C 61 -9.18 16.15 51.54
CA GLU C 61 -8.55 17.38 51.11
C GLU C 61 -8.91 17.54 49.64
N TYR C 62 -9.26 18.75 49.24
CA TYR C 62 -9.69 19.04 47.87
C TYR C 62 -8.90 20.14 47.16
N SER C 63 -9.00 20.14 45.84
CA SER C 63 -8.37 21.14 45.00
C SER C 63 -9.42 22.23 44.85
N ALA C 64 -9.02 23.49 45.02
CA ALA C 64 -9.95 24.62 44.94
C ALA C 64 -10.87 24.64 43.71
N SER C 65 -10.29 24.48 42.52
CA SER C 65 -11.08 24.51 41.29
C SER C 65 -12.16 23.44 41.21
N VAL C 66 -12.26 22.58 42.21
CA VAL C 66 -13.28 21.55 42.17
C VAL C 66 -14.05 21.48 43.49
N LYS C 67 -13.53 22.11 44.54
CA LYS C 67 -14.24 22.11 45.81
C LYS C 67 -15.61 22.74 45.67
N GLY C 68 -16.64 22.06 46.16
CA GLY C 68 -17.98 22.58 46.04
C GLY C 68 -18.74 21.83 44.97
N ARG C 69 -18.00 21.18 44.07
CA ARG C 69 -18.64 20.42 43.01
C ARG C 69 -18.31 18.95 43.16
N PHE C 70 -17.15 18.65 43.73
CA PHE C 70 -16.73 17.26 43.87
C PHE C 70 -16.64 16.78 45.32
N THR C 71 -17.23 15.62 45.58
CA THR C 71 -17.20 15.04 46.92
C THR C 71 -16.58 13.61 46.90
N ILE C 72 -15.47 13.42 47.59
CA ILE C 72 -14.85 12.10 47.60
C ILE C 72 -15.33 11.32 48.81
N SER C 73 -15.50 10.01 48.64
CA SER C 73 -15.93 9.14 49.72
C SER C 73 -15.42 7.73 49.45
N ARG C 74 -15.56 6.86 50.43
CA ARG C 74 -15.11 5.49 50.25
C ARG C 74 -15.92 4.46 51.03
N ASP C 75 -16.07 3.27 50.44
CA ASP C 75 -16.76 2.16 51.09
C ASP C 75 -15.63 1.27 51.60
N ASN C 76 -15.41 1.31 52.91
CA ASN C 76 -14.31 0.56 53.51
C ASN C 76 -14.51 -0.95 53.69
N SER C 77 -15.74 -1.43 53.64
CA SER C 77 -15.96 -2.87 53.77
C SER C 77 -15.72 -3.50 52.40
N GLN C 78 -16.08 -2.77 51.35
CA GLN C 78 -15.91 -3.26 49.99
C GLN C 78 -14.68 -2.71 49.26
N SER C 79 -13.86 -1.94 49.96
CA SER C 79 -12.65 -1.37 49.36
C SER C 79 -12.91 -0.64 48.03
N ILE C 80 -13.92 0.23 48.03
CA ILE C 80 -14.28 1.01 46.84
C ILE C 80 -14.15 2.52 47.04
N LEU C 81 -13.40 3.15 46.16
CA LEU C 81 -13.22 4.61 46.25
C LEU C 81 -14.29 5.24 45.37
N TYR C 82 -14.78 6.41 45.77
CA TYR C 82 -15.82 7.11 45.01
C TYR C 82 -15.51 8.60 44.78
N LEU C 83 -15.97 9.13 43.65
CA LEU C 83 -15.83 10.55 43.31
C LEU C 83 -17.15 11.01 42.72
N GLN C 84 -17.86 11.85 43.49
CA GLN C 84 -19.14 12.40 43.10
C GLN C 84 -18.91 13.78 42.46
N MET C 85 -19.30 13.94 41.19
CA MET C 85 -19.12 15.21 40.49
C MET C 85 -20.41 15.95 40.13
N ASN C 86 -20.52 17.21 40.56
CA ASN C 86 -21.72 17.99 40.26
C ASN C 86 -21.43 19.10 39.25
N ALA C 87 -22.47 19.55 38.58
CA ALA C 87 -22.35 20.62 37.61
C ALA C 87 -21.12 20.46 36.72
N LEU C 88 -21.16 19.48 35.82
CA LEU C 88 -20.04 19.23 34.93
C LEU C 88 -20.04 20.12 33.69
N ARG C 89 -18.89 20.75 33.43
CA ARG C 89 -18.74 21.63 32.28
C ARG C 89 -17.67 21.01 31.37
N ALA C 90 -17.67 21.43 30.10
CA ALA C 90 -16.73 20.92 29.10
C ALA C 90 -15.29 20.75 29.59
N GLU C 91 -14.87 21.62 30.50
CA GLU C 91 -13.51 21.57 31.02
C GLU C 91 -13.22 20.26 31.72
N ASP C 92 -14.24 19.69 32.35
CA ASP C 92 -14.11 18.46 33.11
C ASP C 92 -13.85 17.19 32.29
N SER C 93 -14.07 17.24 30.98
CA SER C 93 -13.82 16.07 30.14
C SER C 93 -12.37 15.61 30.34
N ALA C 94 -12.18 14.31 30.56
CA ALA C 94 -10.84 13.79 30.80
C ALA C 94 -10.84 12.34 31.22
N THR C 95 -9.64 11.81 31.46
CA THR C 95 -9.48 10.45 31.94
C THR C 95 -9.30 10.62 33.43
N TYR C 96 -10.07 9.88 34.24
CA TYR C 96 -9.94 10.01 35.68
C TYR C 96 -9.23 8.81 36.30
N TYR C 97 -8.15 9.09 37.03
CA TYR C 97 -7.33 8.07 37.66
C TYR C 97 -7.42 8.06 39.19
N CYS C 98 -7.58 6.88 39.80
CA CYS C 98 -7.58 6.79 41.26
C CYS C 98 -6.17 6.33 41.61
N VAL C 99 -5.69 6.74 42.78
CA VAL C 99 -4.35 6.38 43.19
C VAL C 99 -4.23 6.10 44.68
N ARG C 100 -3.32 5.19 45.04
CA ARG C 100 -3.09 4.88 46.44
C ARG C 100 -2.08 5.88 46.97
N ASP C 101 -2.50 6.64 47.97
CA ASP C 101 -1.71 7.69 48.59
C ASP C 101 -0.85 7.14 49.72
N LYS C 102 -0.65 7.89 50.80
CA LYS C 102 0.21 7.43 51.92
C LYS C 102 -0.51 6.43 52.84
N GLY C 103 0.31 5.57 53.44
CA GLY C 103 -0.14 4.55 54.37
C GLY C 103 0.30 5.03 55.74
N SER C 104 0.15 4.20 56.77
CA SER C 104 0.53 4.61 58.12
C SER C 104 2.00 4.39 58.46
N TYR C 105 2.84 4.22 57.44
CA TYR C 105 4.28 4.00 57.65
C TYR C 105 5.16 4.93 56.85
N GLY C 106 6.42 4.54 56.73
CA GLY C 106 7.39 5.33 56.00
C GLY C 106 7.84 4.65 54.73
N ASN C 107 6.89 4.10 53.98
CA ASN C 107 7.21 3.42 52.73
C ASN C 107 6.86 4.33 51.56
N TYR C 108 7.45 5.52 51.59
CA TYR C 108 7.26 6.57 50.60
C TYR C 108 7.47 6.08 49.17
N GLU C 109 8.35 5.10 49.02
CA GLU C 109 8.68 4.54 47.71
C GLU C 109 7.46 4.04 46.97
N ALA C 110 6.38 3.78 47.72
CA ALA C 110 5.15 3.26 47.13
C ALA C 110 4.06 4.31 46.98
N TRP C 111 4.19 5.40 47.73
CA TRP C 111 3.21 6.47 47.64
C TRP C 111 3.08 6.94 46.20
N PHE C 112 1.86 6.96 45.71
CA PHE C 112 1.55 7.35 44.34
C PHE C 112 2.13 6.42 43.30
N ALA C 113 2.60 5.25 43.73
CA ALA C 113 3.17 4.28 42.80
C ALA C 113 2.09 3.46 42.09
N TYR C 114 0.88 3.44 42.67
CA TYR C 114 -0.24 2.68 42.12
C TYR C 114 -1.37 3.54 41.56
N TRP C 115 -1.51 3.46 40.24
CA TRP C 115 -2.52 4.19 39.50
C TRP C 115 -3.43 3.19 38.83
N GLY C 116 -4.73 3.49 38.75
CA GLY C 116 -5.65 2.60 38.07
C GLY C 116 -5.46 2.88 36.58
N GLN C 117 -6.20 2.19 35.71
CA GLN C 117 -6.05 2.41 34.28
C GLN C 117 -6.85 3.61 33.78
N GLY C 118 -7.73 4.12 34.65
CA GLY C 118 -8.55 5.27 34.30
C GLY C 118 -9.88 5.02 33.63
N THR C 119 -10.75 6.02 33.68
CA THR C 119 -12.07 5.94 33.06
C THR C 119 -12.26 7.28 32.34
N THR C 120 -12.73 7.22 31.10
CA THR C 120 -12.93 8.45 30.32
C THR C 120 -14.24 9.13 30.63
N VAL C 121 -14.18 10.44 30.85
CA VAL C 121 -15.37 11.22 31.13
C VAL C 121 -15.52 12.31 30.06
N THR C 122 -16.65 12.30 29.37
CA THR C 122 -16.91 13.26 28.31
C THR C 122 -18.14 14.12 28.60
N VAL C 123 -17.94 15.42 28.75
CA VAL C 123 -19.06 16.32 28.99
C VAL C 123 -19.38 17.08 27.70
N SER C 124 -20.54 16.79 27.13
CA SER C 124 -20.96 17.42 25.89
C SER C 124 -22.47 17.28 25.69
N SER C 125 -23.03 18.09 24.79
CA SER C 125 -24.46 18.03 24.52
C SER C 125 -24.69 17.23 23.25
N ALA C 126 -23.60 16.82 22.62
CA ALA C 126 -23.68 16.02 21.41
C ALA C 126 -24.28 14.68 21.79
N LYS C 127 -25.31 14.26 21.07
CA LYS C 127 -25.99 13.00 21.29
C LYS C 127 -25.10 11.83 20.90
N THR C 128 -25.36 10.66 21.51
CA THR C 128 -24.61 9.42 21.26
C THR C 128 -24.91 8.85 19.86
N THR C 129 -23.85 8.59 19.09
CA THR C 129 -24.01 8.04 17.74
C THR C 129 -23.06 6.88 17.47
N PRO C 130 -23.58 5.79 16.88
CA PRO C 130 -22.82 4.58 16.54
C PRO C 130 -21.90 4.81 15.34
N PRO C 131 -20.83 4.00 15.22
CA PRO C 131 -19.88 4.15 14.11
C PRO C 131 -20.18 3.28 12.88
N SER C 132 -19.61 3.69 11.75
CA SER C 132 -19.73 2.95 10.49
C SER C 132 -18.31 2.48 10.21
N VAL C 133 -18.10 1.17 10.23
CA VAL C 133 -16.78 0.61 10.00
C VAL C 133 -16.61 0.14 8.58
N TYR C 134 -15.78 0.85 7.81
CA TYR C 134 -15.55 0.48 6.42
C TYR C 134 -14.18 -0.15 6.21
N PRO C 135 -14.13 -1.23 5.43
CA PRO C 135 -12.88 -1.94 5.15
C PRO C 135 -12.06 -1.17 4.12
N LEU C 136 -10.78 -0.97 4.41
CA LEU C 136 -9.89 -0.29 3.48
C LEU C 136 -9.04 -1.35 2.80
N ALA C 137 -9.39 -1.65 1.56
CA ALA C 137 -8.70 -2.68 0.78
C ALA C 137 -7.93 -2.05 -0.37
N PRO C 138 -6.73 -2.57 -0.65
CA PRO C 138 -5.94 -2.03 -1.75
C PRO C 138 -6.63 -2.36 -3.06
N GLY C 139 -6.43 -1.52 -4.06
CA GLY C 139 -7.05 -1.77 -5.36
C GLY C 139 -6.19 -2.63 -6.27
N SER C 140 -4.88 -2.37 -6.30
CA SER C 140 -3.96 -3.10 -7.17
C SER C 140 -2.77 -3.73 -6.44
N GLN C 143 -0.76 -7.51 -4.72
CA GLN C 143 0.40 -8.31 -4.35
C GLN C 143 1.67 -7.57 -4.78
N THR C 144 1.51 -6.29 -5.10
CA THR C 144 2.62 -5.47 -5.55
C THR C 144 3.91 -5.66 -4.74
N ASN C 145 3.83 -5.55 -3.42
CA ASN C 145 5.02 -5.72 -2.58
C ASN C 145 5.01 -6.97 -1.70
N SER C 146 6.11 -7.21 -1.00
CA SER C 146 6.24 -8.37 -0.13
C SER C 146 5.12 -8.39 0.91
N MET C 147 4.89 -7.25 1.54
CA MET C 147 3.85 -7.13 2.54
C MET C 147 2.62 -6.48 1.91
N VAL C 148 1.58 -6.33 2.70
CA VAL C 148 0.36 -5.69 2.23
C VAL C 148 -0.31 -5.01 3.40
N THR C 149 -0.70 -3.77 3.19
CA THR C 149 -1.36 -3.01 4.24
C THR C 149 -2.86 -2.97 4.04
N LEU C 150 -3.58 -3.23 5.13
CA LEU C 150 -5.03 -3.23 5.13
C LEU C 150 -5.47 -2.32 6.26
N GLY C 151 -6.77 -2.02 6.30
CA GLY C 151 -7.27 -1.15 7.36
C GLY C 151 -8.77 -1.04 7.45
N CYS C 152 -9.24 -0.36 8.49
CA CYS C 152 -10.66 -0.12 8.71
C CYS C 152 -10.91 1.35 9.04
N LEU C 153 -12.02 1.87 8.54
CA LEU C 153 -12.40 3.25 8.79
C LEU C 153 -13.58 3.24 9.74
N VAL C 154 -13.42 3.88 10.89
CA VAL C 154 -14.49 3.97 11.90
C VAL C 154 -14.83 5.45 12.03
N LYS C 155 -15.92 5.88 11.40
CA LYS C 155 -16.25 7.29 11.43
C LYS C 155 -17.72 7.51 11.75
N GLY C 156 -17.98 8.77 12.09
CA GLY C 156 -19.33 9.22 12.41
C GLY C 156 -19.88 8.82 13.78
N TYR C 157 -18.99 8.41 14.68
CA TYR C 157 -19.41 7.98 16.00
C TYR C 157 -19.21 9.00 17.11
N PHE C 158 -19.99 8.84 18.17
CA PHE C 158 -19.88 9.70 19.35
C PHE C 158 -20.51 9.02 20.56
N PRO C 159 -19.83 9.07 21.71
CA PRO C 159 -18.53 9.72 21.85
C PRO C 159 -17.42 8.69 21.92
N GLU C 160 -16.25 9.14 22.37
CA GLU C 160 -15.09 8.28 22.56
C GLU C 160 -15.43 7.41 23.77
N PRO C 161 -14.82 6.22 23.88
CA PRO C 161 -13.84 5.69 22.94
C PRO C 161 -14.35 4.43 22.20
N VAL C 162 -13.61 4.03 21.17
CA VAL C 162 -13.95 2.81 20.44
C VAL C 162 -12.70 1.95 20.55
N THR C 163 -12.89 0.66 20.75
CA THR C 163 -11.75 -0.23 20.84
C THR C 163 -11.67 -0.97 19.50
N VAL C 164 -10.44 -1.21 19.04
CA VAL C 164 -10.18 -1.88 17.77
C VAL C 164 -9.06 -2.90 17.86
N THR C 165 -9.33 -4.12 17.40
CA THR C 165 -8.34 -5.19 17.39
C THR C 165 -8.44 -5.97 16.08
N TRP C 166 -7.32 -6.52 15.62
CA TRP C 166 -7.32 -7.29 14.38
C TRP C 166 -7.21 -8.78 14.66
N ASN C 167 -8.10 -9.55 14.05
CA ASN C 167 -8.15 -11.00 14.27
C ASN C 167 -8.32 -11.28 15.75
N SER C 168 -9.28 -10.57 16.32
CA SER C 168 -9.63 -10.67 17.74
C SER C 168 -8.39 -10.40 18.59
N GLY C 169 -7.43 -9.66 18.03
CA GLY C 169 -6.23 -9.37 18.78
C GLY C 169 -5.11 -10.32 18.45
N SER C 170 -5.44 -11.47 17.85
CA SER C 170 -4.46 -12.48 17.46
C SER C 170 -3.74 -11.99 16.21
N LEU C 171 -3.22 -10.76 16.29
CA LEU C 171 -2.51 -10.10 15.20
C LEU C 171 -2.23 -8.67 15.70
N SER C 172 -1.22 -8.52 16.54
CA SER C 172 -0.89 -7.22 17.11
C SER C 172 0.18 -6.47 16.33
N SER C 173 1.27 -7.14 16.01
CA SER C 173 2.36 -6.52 15.25
C SER C 173 1.82 -5.95 13.94
N GLY C 174 2.48 -4.92 13.42
CA GLY C 174 2.04 -4.32 12.19
C GLY C 174 0.71 -3.61 12.31
N VAL C 175 0.28 -3.34 13.55
CA VAL C 175 -0.98 -2.66 13.75
C VAL C 175 -0.84 -1.21 14.20
N HIS C 176 -1.47 -0.32 13.46
CA HIS C 176 -1.45 1.10 13.77
C HIS C 176 -2.87 1.59 13.87
N THR C 177 -3.24 2.09 15.04
CA THR C 177 -4.57 2.65 15.26
C THR C 177 -4.31 4.13 15.48
N PHE C 178 -4.89 4.98 14.64
CA PHE C 178 -4.65 6.41 14.80
C PHE C 178 -5.62 7.11 15.75
N PRO C 179 -5.13 8.10 16.50
CA PRO C 179 -6.00 8.83 17.43
C PRO C 179 -7.22 9.35 16.69
N ALA C 180 -8.38 9.16 17.30
CA ALA C 180 -9.64 9.61 16.71
C ALA C 180 -9.71 11.15 16.68
N VAL C 181 -10.14 11.71 15.56
CA VAL C 181 -10.26 13.15 15.43
C VAL C 181 -11.73 13.60 15.47
N LEU C 182 -11.97 14.69 16.17
CA LEU C 182 -13.32 15.21 16.32
C LEU C 182 -13.65 16.29 15.30
N GLN C 183 -14.70 16.08 14.53
CA GLN C 183 -15.12 17.03 13.52
C GLN C 183 -16.63 17.22 13.53
N SER C 184 -17.09 18.31 14.12
CA SER C 184 -18.51 18.62 14.19
C SER C 184 -19.27 17.66 15.11
N ASP C 185 -18.74 17.48 16.32
CA ASP C 185 -19.38 16.62 17.31
C ASP C 185 -19.43 15.13 16.95
N LEU C 186 -18.66 14.75 15.93
CA LEU C 186 -18.56 13.36 15.52
C LEU C 186 -17.08 13.00 15.45
N TYR C 187 -16.73 11.84 15.98
CA TYR C 187 -15.35 11.39 15.96
C TYR C 187 -15.13 10.48 14.76
N THR C 188 -13.87 10.30 14.40
CA THR C 188 -13.49 9.45 13.27
C THR C 188 -12.04 8.98 13.41
N LEU C 189 -11.83 7.72 13.04
CA LEU C 189 -10.50 7.16 13.08
C LEU C 189 -10.39 5.97 12.14
N SER C 190 -9.16 5.51 11.99
CA SER C 190 -8.87 4.38 11.13
C SER C 190 -7.78 3.60 11.80
N SER C 191 -7.60 2.38 11.33
CA SER C 191 -6.58 1.52 11.86
C SER C 191 -5.95 0.85 10.66
N SER C 192 -4.63 0.69 10.69
CA SER C 192 -3.91 0.04 9.60
C SER C 192 -3.12 -1.16 10.10
N VAL C 193 -3.27 -2.28 9.42
CA VAL C 193 -2.56 -3.51 9.79
C VAL C 193 -1.82 -4.02 8.56
N THR C 194 -0.57 -4.41 8.75
CA THR C 194 0.23 -4.91 7.65
C THR C 194 0.66 -6.35 7.90
N VAL C 195 0.46 -7.18 6.89
CA VAL C 195 0.81 -8.59 6.99
C VAL C 195 1.40 -9.08 5.67
N PRO C 196 2.32 -10.07 5.73
CA PRO C 196 2.92 -10.57 4.50
C PRO C 196 1.84 -10.95 3.51
N SER C 197 2.13 -10.82 2.21
CA SER C 197 1.16 -11.14 1.17
C SER C 197 0.81 -12.62 1.14
N SER C 198 1.68 -13.45 1.72
CA SER C 198 1.46 -14.89 1.78
C SER C 198 0.14 -15.19 2.51
N PRO C 199 -0.12 -14.51 3.64
CA PRO C 199 -1.35 -14.70 4.43
C PRO C 199 -2.69 -14.28 3.82
N ARG C 200 -2.79 -13.01 3.44
CA ARG C 200 -4.03 -12.47 2.90
C ARG C 200 -3.93 -12.17 1.40
N PRO C 201 -5.05 -12.37 0.65
CA PRO C 201 -6.37 -12.83 1.08
C PRO C 201 -6.51 -14.35 1.11
N SER C 202 -5.56 -15.01 1.78
CA SER C 202 -5.56 -16.47 1.86
C SER C 202 -6.01 -17.02 3.20
N GLU C 203 -5.95 -16.22 4.26
CA GLU C 203 -6.34 -16.69 5.58
C GLU C 203 -7.14 -15.69 6.45
N THR C 204 -8.03 -14.93 5.82
CA THR C 204 -8.87 -13.95 6.53
C THR C 204 -8.16 -12.91 7.40
N VAL C 205 -8.58 -11.64 7.22
CA VAL C 205 -8.05 -10.51 7.99
C VAL C 205 -9.27 -9.69 8.41
N THR C 206 -9.53 -9.64 9.71
CA THR C 206 -10.71 -8.94 10.21
C THR C 206 -10.43 -7.89 11.28
N CYS C 207 -11.14 -6.77 11.23
CA CYS C 207 -10.96 -5.76 12.27
C CYS C 207 -12.18 -5.83 13.20
N ASN C 208 -11.90 -5.94 14.50
CA ASN C 208 -12.95 -6.03 15.51
C ASN C 208 -13.03 -4.68 16.20
N VAL C 209 -14.15 -4.00 15.98
CA VAL C 209 -14.38 -2.67 16.53
C VAL C 209 -15.58 -2.62 17.48
N ALA C 210 -15.43 -1.94 18.61
CA ALA C 210 -16.53 -1.80 19.55
C ALA C 210 -16.67 -0.37 20.03
N HIS C 211 -17.91 0.03 20.30
CA HIS C 211 -18.26 1.36 20.79
C HIS C 211 -19.17 1.09 21.98
N PRO C 212 -18.59 0.80 23.15
CA PRO C 212 -19.33 0.51 24.39
C PRO C 212 -20.48 1.46 24.73
N ALA C 213 -20.31 2.75 24.46
CA ALA C 213 -21.36 3.72 24.77
C ALA C 213 -22.56 3.48 23.88
N SER C 214 -22.32 2.88 22.72
CA SER C 214 -23.38 2.59 21.77
C SER C 214 -23.63 1.09 21.67
N SER C 215 -23.04 0.32 22.59
CA SER C 215 -23.18 -1.13 22.58
C SER C 215 -23.09 -1.63 21.13
N THR C 216 -22.05 -1.14 20.44
CA THR C 216 -21.81 -1.49 19.06
C THR C 216 -20.53 -2.31 18.97
N LYS C 217 -20.66 -3.53 18.47
CA LYS C 217 -19.50 -4.40 18.32
C LYS C 217 -19.60 -5.08 16.96
N VAL C 218 -18.78 -4.63 16.01
CA VAL C 218 -18.82 -5.20 14.68
C VAL C 218 -17.45 -5.69 14.18
N ASP C 219 -17.50 -6.68 13.29
CA ASP C 219 -16.29 -7.23 12.70
C ASP C 219 -16.31 -6.94 11.19
N LYS C 220 -15.21 -6.41 10.68
CA LYS C 220 -15.12 -6.12 9.26
C LYS C 220 -14.12 -7.04 8.61
N LYS C 221 -14.63 -7.93 7.77
CA LYS C 221 -13.78 -8.86 7.06
C LYS C 221 -13.28 -8.10 5.86
N ILE C 222 -11.97 -8.03 5.69
CA ILE C 222 -11.41 -7.32 4.55
C ILE C 222 -11.23 -8.26 3.37
N VAL C 223 -11.95 -7.96 2.29
CA VAL C 223 -11.91 -8.76 1.07
C VAL C 223 -11.45 -7.92 -0.12
N PRO C 224 -10.62 -8.52 -1.01
CA PRO C 224 -10.11 -7.85 -2.20
C PRO C 224 -11.10 -7.93 -3.35
N ARG C 225 -10.79 -7.38 -4.44
N ASP D 1 -1.31 27.19 46.41
CA ASP D 1 -1.62 27.14 44.96
C ASP D 1 -0.31 27.17 44.15
N ILE D 2 0.68 26.44 44.63
CA ILE D 2 1.98 26.37 43.98
C ILE D 2 1.91 25.89 42.53
N GLU D 3 2.44 26.70 41.62
CA GLU D 3 2.43 26.36 40.20
C GLU D 3 3.80 25.84 39.75
N LEU D 4 3.80 24.71 39.05
CA LEU D 4 5.04 24.13 38.57
C LEU D 4 5.20 24.27 37.06
N THR D 5 6.29 24.91 36.64
CA THR D 5 6.56 25.10 35.21
C THR D 5 7.79 24.27 34.83
N GLN D 6 7.64 23.44 33.80
CA GLN D 6 8.73 22.57 33.36
C GLN D 6 9.34 23.03 32.04
N SER D 7 10.64 22.87 31.93
CA SER D 7 11.32 23.24 30.72
C SER D 7 12.38 22.21 30.42
N PRO D 8 12.51 21.84 29.14
CA PRO D 8 11.70 22.34 28.03
C PRO D 8 10.33 21.70 27.97
N ALA D 9 9.51 22.16 27.03
CA ALA D 9 8.18 21.61 26.84
C ALA D 9 8.27 20.42 25.88
N ILE D 10 9.15 20.55 24.87
CA ILE D 10 9.37 19.47 23.90
C ILE D 10 10.86 19.37 23.64
N MET D 11 11.36 18.16 23.43
CA MET D 11 12.76 17.99 23.13
C MET D 11 13.06 16.63 22.56
N ALA D 12 14.21 16.54 21.90
CA ALA D 12 14.69 15.31 21.28
C ALA D 12 16.07 15.06 21.86
N ALA D 13 16.50 13.81 21.83
CA ALA D 13 17.80 13.46 22.34
C ALA D 13 18.25 12.19 21.65
N SER D 14 19.55 12.03 21.48
CA SER D 14 20.07 10.85 20.81
C SER D 14 20.63 9.87 21.82
N PRO D 15 20.71 8.60 21.43
CA PRO D 15 21.25 7.57 22.33
C PRO D 15 22.54 8.04 22.96
N GLY D 16 22.64 7.88 24.28
CA GLY D 16 23.84 8.26 24.98
C GLY D 16 23.98 9.73 25.33
N GLU D 17 22.95 10.49 25.01
CA GLU D 17 22.98 11.91 25.30
C GLU D 17 22.38 12.21 26.68
N LYS D 18 23.11 13.00 27.47
CA LYS D 18 22.64 13.40 28.80
C LYS D 18 21.49 14.41 28.65
N VAL D 19 20.37 14.11 29.29
CA VAL D 19 19.18 14.97 29.24
C VAL D 19 18.97 15.57 30.62
N THR D 20 18.25 16.69 30.66
CA THR D 20 17.98 17.34 31.93
C THR D 20 16.68 18.14 31.86
N ILE D 21 15.76 17.79 32.73
CA ILE D 21 14.47 18.45 32.79
C ILE D 21 14.42 19.23 34.08
N THR D 22 14.00 20.49 33.99
CA THR D 22 13.91 21.29 35.20
C THR D 22 12.45 21.61 35.45
N CYS D 23 12.14 21.95 36.70
CA CYS D 23 10.79 22.26 37.11
C CYS D 23 10.85 23.29 38.24
N SER D 24 10.52 24.54 37.89
CA SER D 24 10.53 25.62 38.86
C SER D 24 9.14 25.85 39.44
N ALA D 25 9.11 26.16 40.73
CA ALA D 25 7.87 26.38 41.45
C ALA D 25 7.72 27.85 41.82
N THR D 26 6.47 28.32 41.91
CA THR D 26 6.18 29.71 42.26
C THR D 26 6.44 29.97 43.74
N SER D 27 6.61 28.90 44.52
CA SER D 27 6.89 28.99 45.95
C SER D 27 7.59 27.72 46.39
N GLY D 28 8.69 27.86 47.12
CA GLY D 28 9.44 26.70 47.56
C GLY D 28 8.61 25.52 48.02
N VAL D 29 9.16 24.32 47.86
CA VAL D 29 8.54 23.07 48.26
C VAL D 29 9.69 22.20 48.80
N ASN D 30 9.41 21.36 49.79
CA ASN D 30 10.43 20.51 50.40
C ASN D 30 10.95 19.37 49.54
N TYR D 31 10.08 18.81 48.71
CA TYR D 31 10.50 17.71 47.87
C TYR D 31 9.90 17.88 46.50
N MET D 32 10.41 17.12 45.55
CA MET D 32 9.86 17.12 44.21
C MET D 32 9.75 15.66 43.79
N HIS D 33 8.63 15.30 43.20
CA HIS D 33 8.39 13.93 42.75
C HIS D 33 8.26 13.94 41.23
N TRP D 34 8.68 12.86 40.58
CA TRP D 34 8.59 12.80 39.12
C TRP D 34 7.86 11.55 38.66
N PHE D 35 7.13 11.71 37.56
CA PHE D 35 6.38 10.60 36.98
C PHE D 35 6.65 10.48 35.47
N GLN D 36 6.77 9.24 35.02
CA GLN D 36 7.00 8.94 33.61
C GLN D 36 5.72 8.38 33.02
N GLN D 37 5.24 9.01 31.97
CA GLN D 37 4.03 8.54 31.32
C GLN D 37 4.22 8.40 29.83
N LYS D 38 4.17 7.16 29.37
CA LYS D 38 4.28 6.90 27.95
C LYS D 38 2.90 6.82 27.31
N PRO D 39 2.74 7.11 26.02
CA PRO D 39 1.43 7.07 25.37
C PRO D 39 0.38 5.97 25.65
N GLY D 40 -0.82 6.41 26.00
CA GLY D 40 -1.93 5.51 26.25
C GLY D 40 -1.95 4.73 27.55
N THR D 41 -0.99 5.00 28.43
CA THR D 41 -0.94 4.27 29.71
C THR D 41 -0.94 5.18 30.93
N SER D 42 -1.23 4.60 32.09
CA SER D 42 -1.27 5.35 33.34
C SER D 42 0.12 5.87 33.67
N PRO D 43 0.20 7.06 34.27
CA PRO D 43 1.51 7.60 34.61
C PRO D 43 2.20 6.66 35.58
N LYS D 44 3.49 6.46 35.38
CA LYS D 44 4.27 5.66 36.31
C LYS D 44 5.19 6.50 37.19
N LEU D 45 5.36 6.06 38.43
CA LEU D 45 6.23 6.71 39.42
C LEU D 45 7.67 6.42 39.01
N TRP D 46 8.48 7.46 38.86
CA TRP D 46 9.85 7.29 38.42
C TRP D 46 10.90 7.65 39.47
N ILE D 47 10.74 8.84 40.04
CA ILE D 47 11.64 9.33 41.07
C ILE D 47 10.76 9.93 42.17
N TYR D 48 10.92 9.44 43.39
CA TYR D 48 10.16 9.95 44.52
C TYR D 48 11.10 10.63 45.50
N SER D 49 10.53 11.53 46.30
CA SER D 49 11.28 12.28 47.29
C SER D 49 12.54 12.91 46.72
N THR D 50 12.36 13.62 45.60
CA THR D 50 13.42 14.35 44.94
C THR D 50 14.51 13.56 44.23
N SER D 51 15.08 12.55 44.90
CA SER D 51 16.19 11.81 44.28
C SER D 51 16.19 10.29 44.37
N ASN D 52 15.14 9.70 44.88
CA ASN D 52 15.12 8.25 45.01
C ASN D 52 14.39 7.61 43.84
N LEU D 53 15.02 6.60 43.24
CA LEU D 53 14.44 5.93 42.08
C LEU D 53 13.33 4.97 42.43
N ALA D 54 12.35 4.86 41.54
CA ALA D 54 11.24 3.93 41.74
C ALA D 54 11.71 2.55 41.29
N SER D 55 10.82 1.58 41.38
CA SER D 55 11.14 0.22 41.00
C SER D 55 11.30 0.12 39.49
N ALA D 56 12.21 -0.75 39.06
CA ALA D 56 12.48 -0.97 37.63
C ALA D 56 12.96 0.30 36.93
N VAL D 57 13.44 1.26 37.72
CA VAL D 57 13.94 2.52 37.15
C VAL D 57 15.46 2.45 37.14
N PRO D 58 16.03 2.44 35.92
CA PRO D 58 17.48 2.38 35.63
C PRO D 58 18.33 3.36 36.43
N ALA D 59 19.59 2.98 36.65
CA ALA D 59 20.54 3.80 37.39
C ALA D 59 20.90 5.09 36.65
N ARG D 60 20.66 5.11 35.35
CA ARG D 60 20.96 6.28 34.51
C ARG D 60 20.06 7.48 34.86
N PHE D 61 19.04 7.27 35.65
CA PHE D 61 18.15 8.34 36.04
C PHE D 61 18.58 8.91 37.38
N SER D 62 18.24 10.15 37.65
CA SER D 62 18.59 10.76 38.92
C SER D 62 17.83 12.07 39.02
N GLY D 63 17.62 12.56 40.24
CA GLY D 63 16.90 13.81 40.41
C GLY D 63 17.52 14.64 41.52
N SER D 64 17.23 15.92 41.55
CA SER D 64 17.79 16.77 42.59
C SER D 64 17.22 18.18 42.57
N GLY D 65 17.76 19.03 43.42
CA GLY D 65 17.31 20.41 43.48
C GLY D 65 16.78 20.80 44.84
N SER D 66 16.19 21.98 44.94
CA SER D 66 15.63 22.49 46.18
C SER D 66 14.67 23.66 45.97
N GLY D 67 14.04 24.09 47.06
CA GLY D 67 13.12 25.22 47.02
C GLY D 67 12.19 25.31 45.82
N THR D 68 12.54 26.18 44.88
CA THR D 68 11.73 26.44 43.69
C THR D 68 12.29 25.87 42.40
N SER D 69 13.38 25.12 42.45
CA SER D 69 13.95 24.56 41.23
C SER D 69 14.44 23.14 41.36
N TYR D 70 13.85 22.24 40.59
CA TYR D 70 14.24 20.84 40.63
C TYR D 70 14.47 20.28 39.24
N SER D 71 15.23 19.20 39.17
CA SER D 71 15.50 18.61 37.88
C SER D 71 15.72 17.13 37.92
N LEU D 72 15.36 16.49 36.82
CA LEU D 72 15.52 15.07 36.64
C LEU D 72 16.55 14.94 35.53
N THR D 73 17.49 14.03 35.68
CA THR D 73 18.51 13.84 34.68
C THR D 73 18.69 12.38 34.27
N ILE D 74 18.99 12.19 33.00
CA ILE D 74 19.22 10.87 32.43
C ILE D 74 20.66 11.00 31.95
N SER D 75 21.59 10.25 32.55
CA SER D 75 22.98 10.33 32.12
C SER D 75 23.11 9.97 30.64
N ARG D 76 22.58 8.82 30.24
CA ARG D 76 22.64 8.37 28.85
C ARG D 76 21.28 8.00 28.29
N MET D 77 20.75 8.85 27.42
CA MET D 77 19.44 8.64 26.81
C MET D 77 19.31 7.25 26.19
N GLU D 78 18.14 6.64 26.37
CA GLU D 78 17.85 5.32 25.82
C GLU D 78 16.49 5.39 25.16
N ALA D 79 16.33 4.70 24.04
CA ALA D 79 15.08 4.71 23.30
C ALA D 79 13.90 4.57 24.26
N GLU D 80 14.02 3.69 25.25
CA GLU D 80 12.97 3.46 26.25
C GLU D 80 12.65 4.67 27.14
N ASP D 81 13.58 5.62 27.28
CA ASP D 81 13.33 6.79 28.12
C ASP D 81 12.45 7.84 27.45
N ALA D 82 12.16 7.64 26.17
CA ALA D 82 11.32 8.56 25.43
C ALA D 82 9.88 8.47 25.93
N ALA D 83 9.42 9.54 26.58
CA ALA D 83 8.08 9.64 27.13
C ALA D 83 7.85 11.07 27.60
N THR D 84 6.67 11.33 28.17
CA THR D 84 6.33 12.64 28.71
C THR D 84 6.64 12.56 30.20
N TYR D 85 7.36 13.52 30.77
CA TYR D 85 7.66 13.47 32.20
C TYR D 85 6.87 14.53 32.96
N TYR D 86 6.64 14.29 34.25
CA TYR D 86 5.88 15.24 35.09
C TYR D 86 6.44 15.40 36.48
N CYS D 87 6.65 16.63 36.89
CA CYS D 87 7.12 16.87 38.23
C CYS D 87 5.86 17.05 39.07
N GLN D 88 5.99 16.94 40.38
CA GLN D 88 4.84 17.10 41.27
C GLN D 88 5.29 17.35 42.68
N GLN D 89 4.56 18.25 43.36
CA GLN D 89 4.87 18.55 44.74
C GLN D 89 3.65 18.25 45.57
N ARG D 90 3.89 17.73 46.77
CA ARG D 90 2.84 17.41 47.72
C ARG D 90 3.33 17.99 49.03
N SER D 91 3.98 19.14 48.95
CA SER D 91 4.53 19.81 50.11
C SER D 91 3.44 20.71 50.70
N THR D 92 2.63 21.30 49.81
CA THR D 92 1.55 22.21 50.17
C THR D 92 0.24 21.85 49.43
N TYR D 93 -0.87 21.76 50.16
CA TYR D 93 -2.15 21.47 49.52
C TYR D 93 -2.63 22.71 48.74
N PRO D 94 -3.19 22.53 47.53
CA PRO D 94 -3.43 21.26 46.83
C PRO D 94 -2.21 20.82 46.04
N PHE D 95 -1.92 19.53 46.05
CA PHE D 95 -0.79 18.98 45.32
C PHE D 95 -0.87 19.44 43.87
N THR D 96 0.28 19.62 43.21
CA THR D 96 0.28 20.06 41.82
C THR D 96 1.26 19.34 40.90
N PHE D 97 0.95 19.38 39.62
CA PHE D 97 1.78 18.75 38.59
C PHE D 97 2.25 19.82 37.62
N GLY D 98 3.45 19.63 37.07
CA GLY D 98 3.96 20.61 36.12
C GLY D 98 3.25 20.46 34.77
N GLY D 99 3.71 21.22 33.78
CA GLY D 99 3.11 21.10 32.47
C GLY D 99 3.60 19.81 31.84
N GLY D 100 4.83 19.44 32.18
CA GLY D 100 5.41 18.23 31.65
C GLY D 100 6.41 18.49 30.53
N THR D 101 7.28 17.52 30.28
CA THR D 101 8.26 17.63 29.22
C THR D 101 8.08 16.42 28.32
N LYS D 102 7.84 16.64 27.03
CA LYS D 102 7.68 15.53 26.08
C LYS D 102 9.07 15.22 25.54
N LEU D 103 9.60 14.06 25.93
CA LEU D 103 10.94 13.64 25.50
C LEU D 103 10.94 12.61 24.39
N GLU D 104 11.45 13.01 23.23
CA GLU D 104 11.52 12.13 22.08
C GLU D 104 12.94 11.60 21.90
N LEU D 105 13.04 10.42 21.30
CA LEU D 105 14.34 9.85 21.03
C LEU D 105 14.61 10.04 19.57
N LYS D 106 15.81 10.49 19.26
CA LYS D 106 16.23 10.65 17.87
C LYS D 106 16.67 9.28 17.36
N ARG D 107 16.22 8.93 16.17
CA ARG D 107 16.62 7.66 15.58
C ARG D 107 16.97 7.91 14.11
N ALA D 108 17.52 6.89 13.45
CA ALA D 108 17.90 7.03 12.04
C ALA D 108 16.70 7.50 11.25
N ASP D 109 16.92 8.38 10.27
CA ASP D 109 15.82 8.90 9.45
C ASP D 109 15.27 7.75 8.60
N ALA D 110 13.95 7.64 8.55
CA ALA D 110 13.32 6.58 7.77
C ALA D 110 12.23 7.15 6.88
N ALA D 111 12.11 6.58 5.70
CA ALA D 111 11.10 7.02 4.75
C ALA D 111 9.79 6.34 5.09
N PRO D 112 8.67 7.05 4.98
CA PRO D 112 7.39 6.42 5.31
C PRO D 112 6.93 5.43 4.25
N THR D 113 6.21 4.41 4.69
CA THR D 113 5.64 3.42 3.79
C THR D 113 4.20 3.92 3.61
N VAL D 114 3.88 4.39 2.41
CA VAL D 114 2.56 4.93 2.12
C VAL D 114 1.65 3.93 1.42
N SER D 115 0.35 4.03 1.70
CA SER D 115 -0.64 3.12 1.10
C SER D 115 -1.95 3.88 0.89
N ILE D 116 -2.51 3.81 -0.31
CA ILE D 116 -3.78 4.50 -0.56
C ILE D 116 -4.94 3.55 -0.60
N PHE D 117 -6.15 4.07 -0.39
CA PHE D 117 -7.35 3.26 -0.37
C PHE D 117 -8.58 3.98 -0.90
N PRO D 118 -9.31 3.33 -1.82
CA PRO D 118 -10.53 3.90 -2.42
C PRO D 118 -11.68 3.74 -1.45
N PRO D 119 -12.79 4.47 -1.69
CA PRO D 119 -13.98 4.40 -0.84
C PRO D 119 -14.61 3.03 -1.00
N SER D 120 -14.84 2.33 0.11
CA SER D 120 -15.45 1.03 0.03
C SER D 120 -16.82 1.13 -0.61
N SER D 121 -17.34 0.00 -1.09
CA SER D 121 -18.64 -0.03 -1.71
C SER D 121 -19.72 0.26 -0.67
N GLU D 122 -19.47 -0.12 0.58
CA GLU D 122 -20.44 0.12 1.64
C GLU D 122 -20.61 1.61 1.91
N GLN D 123 -19.51 2.32 2.10
CA GLN D 123 -19.55 3.75 2.37
C GLN D 123 -20.27 4.49 1.25
N LEU D 124 -19.98 4.09 0.02
CA LEU D 124 -20.56 4.71 -1.16
C LEU D 124 -22.10 4.70 -1.12
N THR D 125 -22.68 3.58 -0.71
CA THR D 125 -24.14 3.46 -0.63
C THR D 125 -24.72 4.56 0.24
N SER D 126 -24.06 4.85 1.36
CA SER D 126 -24.52 5.86 2.30
C SER D 126 -24.66 7.27 1.71
N GLY D 127 -24.06 7.49 0.55
CA GLY D 127 -24.15 8.80 -0.08
C GLY D 127 -22.86 9.55 0.13
N GLY D 128 -21.83 8.85 0.58
CA GLY D 128 -20.55 9.48 0.81
C GLY D 128 -19.37 8.64 0.39
N ALA D 129 -18.19 9.26 0.33
CA ALA D 129 -16.97 8.54 -0.04
C ALA D 129 -15.77 9.14 0.65
N SER D 130 -14.90 8.28 1.15
CA SER D 130 -13.69 8.73 1.83
C SER D 130 -12.47 8.01 1.27
N VAL D 131 -11.42 8.76 0.98
CA VAL D 131 -10.18 8.19 0.46
C VAL D 131 -9.10 8.28 1.54
N VAL D 132 -8.69 7.12 2.03
CA VAL D 132 -7.68 7.05 3.08
C VAL D 132 -6.27 6.82 2.57
N CYS D 133 -5.34 7.60 3.10
CA CYS D 133 -3.95 7.50 2.73
C CYS D 133 -3.11 7.35 3.99
N PHE D 134 -2.63 6.14 4.25
CA PHE D 134 -1.78 5.91 5.43
C PHE D 134 -0.33 6.21 5.10
N LEU D 135 0.35 6.88 6.01
CA LEU D 135 1.77 7.17 5.88
C LEU D 135 2.31 6.56 7.15
N ASN D 136 3.07 5.47 7.01
CA ASN D 136 3.58 4.74 8.16
C ASN D 136 5.08 4.64 8.43
N ASN D 137 5.37 4.39 9.71
CA ASN D 137 6.70 4.22 10.27
C ASN D 137 7.82 5.01 9.64
N PHE D 138 7.81 6.32 9.89
CA PHE D 138 8.84 7.19 9.35
C PHE D 138 9.40 8.05 10.48
N TYR D 139 10.56 8.63 10.25
CA TYR D 139 11.21 9.52 11.22
C TYR D 139 12.18 10.43 10.50
N PRO D 140 12.22 11.72 10.90
CA PRO D 140 11.48 12.43 11.96
C PRO D 140 9.99 12.65 11.73
N LYS D 141 9.38 13.40 12.64
CA LYS D 141 7.95 13.67 12.64
C LYS D 141 7.45 14.60 11.54
N ASP D 142 8.17 15.68 11.27
CA ASP D 142 7.77 16.63 10.23
C ASP D 142 7.44 15.85 8.97
N ILE D 143 6.18 15.92 8.56
CA ILE D 143 5.74 15.20 7.37
C ILE D 143 4.75 16.15 6.69
N ASN D 144 4.34 15.86 5.47
CA ASN D 144 3.38 16.75 4.83
C ASN D 144 2.63 16.10 3.69
N VAL D 145 1.34 15.88 3.91
CA VAL D 145 0.47 15.26 2.92
C VAL D 145 -0.25 16.27 2.07
N LYS D 146 -0.63 15.85 0.87
CA LYS D 146 -1.35 16.70 -0.06
C LYS D 146 -2.21 15.82 -0.98
N TRP D 147 -3.46 16.24 -1.14
CA TRP D 147 -4.39 15.50 -1.98
C TRP D 147 -4.63 16.20 -3.31
N LYS D 148 -4.64 15.41 -4.38
CA LYS D 148 -4.90 15.93 -5.73
C LYS D 148 -6.01 15.11 -6.37
N ILE D 149 -6.93 15.80 -7.04
CA ILE D 149 -8.01 15.13 -7.75
C ILE D 149 -7.90 15.53 -9.23
N ASP D 150 -7.73 14.53 -10.10
CA ASP D 150 -7.55 14.78 -11.52
C ASP D 150 -6.47 15.81 -11.67
N GLY D 151 -5.48 15.75 -10.79
CA GLY D 151 -4.37 16.69 -10.85
C GLY D 151 -4.57 17.98 -10.09
N SER D 152 -5.75 18.15 -9.49
CA SER D 152 -6.08 19.37 -8.73
C SER D 152 -5.99 19.20 -7.22
N GLU D 153 -5.15 20.04 -6.63
CA GLU D 153 -4.89 20.06 -5.19
C GLU D 153 -6.13 20.40 -4.36
N ARG D 154 -6.67 19.40 -3.68
CA ARG D 154 -7.86 19.52 -2.85
C ARG D 154 -7.45 19.80 -1.40
N GLN D 155 -7.79 20.99 -0.90
CA GLN D 155 -7.44 21.38 0.45
C GLN D 155 -8.55 21.10 1.49
N ASN D 156 -9.79 21.40 1.12
CA ASN D 156 -10.93 21.19 2.02
C ASN D 156 -11.40 19.75 2.10
N GLY D 157 -11.90 19.38 3.28
CA GLY D 157 -12.40 18.03 3.49
C GLY D 157 -11.34 17.00 3.87
N VAL D 158 -10.23 17.46 4.43
CA VAL D 158 -9.16 16.55 4.81
C VAL D 158 -8.92 16.54 6.31
N LEU D 159 -8.89 15.34 6.87
CA LEU D 159 -8.65 15.16 8.29
C LEU D 159 -7.40 14.31 8.45
N ASN D 160 -6.43 14.83 9.20
CA ASN D 160 -5.19 14.11 9.42
C ASN D 160 -5.04 13.69 10.88
N SER D 161 -4.31 12.60 11.10
CA SER D 161 -4.07 12.11 12.45
C SER D 161 -2.65 11.52 12.53
N TRP D 162 -1.89 11.97 13.51
CA TRP D 162 -0.52 11.51 13.71
C TRP D 162 -0.43 10.79 15.05
N THR D 163 0.26 9.64 15.06
CA THR D 163 0.43 8.87 16.29
C THR D 163 1.63 9.44 17.03
N ASP D 164 1.93 8.89 18.20
CA ASP D 164 3.08 9.35 18.95
C ASP D 164 4.19 8.36 18.66
N GLN D 165 5.43 8.78 18.81
CA GLN D 165 6.57 7.91 18.53
C GLN D 165 6.30 6.49 19.00
N ASP D 166 6.38 5.53 18.09
CA ASP D 166 6.16 4.13 18.42
C ASP D 166 7.25 3.56 19.33
N SER D 167 6.86 2.61 20.18
CA SER D 167 7.80 1.97 21.10
C SER D 167 8.58 0.79 20.52
N LYS D 168 8.10 0.22 19.41
CA LYS D 168 8.81 -0.93 18.81
C LYS D 168 9.95 -0.45 17.90
N ASP D 169 9.79 0.70 17.26
CA ASP D 169 10.80 1.20 16.34
C ASP D 169 11.13 2.68 16.38
N SER D 170 10.48 3.42 17.26
CA SER D 170 10.71 4.87 17.44
C SER D 170 10.29 5.74 16.27
N THR D 171 9.48 5.20 15.36
CA THR D 171 9.04 6.01 14.24
C THR D 171 7.69 6.65 14.53
N TYR D 172 7.22 7.43 13.57
CA TYR D 172 5.95 8.12 13.70
C TYR D 172 5.07 7.62 12.56
N SER D 173 3.77 7.88 12.66
CA SER D 173 2.84 7.50 11.62
C SER D 173 1.77 8.56 11.42
N MET D 174 1.00 8.42 10.35
CA MET D 174 -0.06 9.37 10.07
C MET D 174 -1.11 8.85 9.11
N SER D 175 -2.35 9.23 9.37
CA SER D 175 -3.47 8.85 8.54
C SER D 175 -4.06 10.12 7.95
N SER D 176 -4.44 10.06 6.69
CA SER D 176 -5.02 11.21 6.01
C SER D 176 -6.26 10.73 5.26
N THR D 177 -7.37 11.42 5.46
CA THR D 177 -8.62 11.06 4.82
C THR D 177 -9.31 12.25 4.15
N LEU D 178 -9.63 12.08 2.87
CA LEU D 178 -10.30 13.11 2.08
C LEU D 178 -11.74 12.68 1.82
N THR D 179 -12.70 13.41 2.38
CA THR D 179 -14.11 13.07 2.21
C THR D 179 -14.82 13.95 1.19
N LEU D 180 -15.64 13.31 0.36
CA LEU D 180 -16.41 13.96 -0.70
C LEU D 180 -17.77 13.27 -0.75
N THR D 181 -18.67 13.77 -1.58
CA THR D 181 -19.99 13.13 -1.71
C THR D 181 -19.84 12.15 -2.86
N LYS D 182 -20.67 11.11 -2.86
CA LYS D 182 -20.62 10.13 -3.93
C LYS D 182 -20.53 10.81 -5.29
N ASP D 183 -21.53 11.64 -5.60
CA ASP D 183 -21.57 12.38 -6.85
C ASP D 183 -20.20 13.02 -7.11
N GLU D 184 -19.75 13.85 -6.16
CA GLU D 184 -18.46 14.52 -6.27
C GLU D 184 -17.36 13.53 -6.63
N TYR D 185 -17.26 12.44 -5.87
CA TYR D 185 -16.26 11.40 -6.10
C TYR D 185 -16.38 10.77 -7.48
N GLU D 186 -17.60 10.55 -7.93
CA GLU D 186 -17.81 9.92 -9.23
C GLU D 186 -17.66 10.85 -10.40
N ARG D 187 -17.63 12.16 -10.14
CA ARG D 187 -17.46 13.13 -11.22
C ARG D 187 -16.02 13.12 -11.67
N HIS D 188 -15.14 12.67 -10.79
CA HIS D 188 -13.73 12.63 -11.12
C HIS D 188 -13.18 11.23 -11.23
N ASN D 189 -11.88 11.11 -11.43
CA ASN D 189 -11.30 9.79 -11.65
C ASN D 189 -9.93 9.49 -11.02
N SER D 190 -9.05 10.48 -10.96
CA SER D 190 -7.71 10.28 -10.40
C SER D 190 -7.51 10.87 -9.00
N TYR D 191 -7.18 10.01 -8.04
CA TYR D 191 -6.97 10.45 -6.66
C TYR D 191 -5.57 10.13 -6.17
N THR D 192 -4.75 11.16 -6.09
CA THR D 192 -3.36 11.03 -5.68
C THR D 192 -3.06 11.46 -4.26
N CYS D 193 -2.11 10.77 -3.63
CA CYS D 193 -1.69 11.11 -2.28
C CYS D 193 -0.21 11.46 -2.38
N GLU D 194 0.10 12.74 -2.21
CA GLU D 194 1.46 13.25 -2.31
C GLU D 194 2.03 13.48 -0.92
N ALA D 195 3.22 12.91 -0.66
CA ALA D 195 3.86 13.04 0.65
C ALA D 195 5.29 13.59 0.58
N THR D 196 5.51 14.69 1.29
CA THR D 196 6.82 15.33 1.31
C THR D 196 7.53 15.11 2.67
N HIS D 197 8.65 14.39 2.63
CA HIS D 197 9.43 14.11 3.83
C HIS D 197 10.90 14.34 3.45
N LYS D 198 11.72 14.71 4.41
CA LYS D 198 13.12 15.02 4.16
C LYS D 198 13.88 13.78 3.73
N THR D 199 13.28 12.60 3.81
CA THR D 199 13.97 11.39 3.41
C THR D 199 13.94 11.16 1.90
N SER D 200 13.72 12.23 1.15
CA SER D 200 13.64 12.15 -0.30
C SER D 200 13.30 13.52 -0.88
N THR D 201 14.20 14.09 -1.68
CA THR D 201 13.95 15.39 -2.29
C THR D 201 12.72 15.27 -3.19
N SER D 202 12.55 14.07 -3.74
CA SER D 202 11.42 13.77 -4.61
C SER D 202 10.23 13.32 -3.75
N PRO D 203 9.08 13.98 -3.92
CA PRO D 203 7.89 13.61 -3.15
C PRO D 203 7.55 12.14 -3.35
N ILE D 204 6.83 11.56 -2.40
CA ILE D 204 6.41 10.17 -2.49
C ILE D 204 4.97 10.21 -2.99
N VAL D 205 4.73 9.63 -4.15
CA VAL D 205 3.40 9.64 -4.71
C VAL D 205 2.78 8.27 -4.90
N LYS D 206 1.58 8.13 -4.42
CA LYS D 206 0.79 6.92 -4.57
C LYS D 206 -0.66 7.25 -4.91
N SER D 207 -1.29 6.51 -5.81
CA SER D 207 -2.65 6.86 -6.18
C SER D 207 -3.43 5.69 -6.73
N PHE D 208 -4.73 5.90 -6.87
CA PHE D 208 -5.59 4.87 -7.40
C PHE D 208 -6.45 5.56 -8.43
N ASN D 209 -7.16 4.78 -9.23
CA ASN D 209 -8.01 5.33 -10.26
C ASN D 209 -9.35 4.60 -10.29
N ARG D 210 -10.43 5.33 -10.01
CA ARG D 210 -11.77 4.77 -9.98
C ARG D 210 -12.09 4.09 -11.30
N ASN D 211 -12.24 2.78 -11.27
CA ASN D 211 -12.52 2.00 -12.48
C ASN D 211 -13.80 1.15 -12.35
N GLU D 212 -14.92 1.68 -12.83
CA GLU D 212 -16.22 0.98 -12.78
C GLU D 212 -16.09 -0.55 -12.82
N CYS D 213 -16.25 -1.19 -11.67
CA CYS D 213 -16.16 -2.66 -11.61
C CYS D 213 -17.26 -3.25 -10.72
N1 PE1 E . -10.88 9.44 -38.81
C2 PE1 E . -11.31 8.16 -39.07
C2A PE1 E . -10.27 7.07 -39.13
C3 PE1 E . -12.73 7.96 -39.26
O3 PE1 E . -13.21 6.74 -39.52
C4 PE1 E . -13.64 9.09 -39.18
C4A PE1 E . -15.13 8.83 -39.40
C5 PE1 E . -13.09 10.40 -38.91
C6 PE1 E . -11.71 10.54 -38.73
C5A PE1 E . -13.97 11.65 -38.81
O4P PE1 E . -13.35 12.72 -39.56
P PE1 E . -13.66 14.24 -39.16
O1P PE1 E . -13.31 14.39 -37.76
O2P PE1 E . -15.18 14.51 -39.40
O3P PE1 E . -12.90 15.08 -40.15
N PE1 E . -15.57 7.57 -38.72
CA PE1 E . -16.98 7.18 -39.05
C PE1 E . -17.34 5.88 -38.30
O PE1 E . -16.20 5.18 -38.01
CB PE1 E . -17.21 7.02 -40.56
CG PE1 E . -16.16 6.12 -41.23
CD PE1 E . -16.83 5.11 -42.16
CE PE1 E . -16.39 5.26 -43.60
OXT PE1 E . -18.57 5.51 -37.97
NZ PE1 E . -17.15 4.34 -44.48
I IOD F . -15.68 10.22 -43.11
I IOD G . -7.32 8.12 -47.96
I IOD H . 0.87 21.49 -35.44
I IOD I . -0.12 23.74 -23.68
I IOD J . 3.16 3.15 53.91
I IOD K . -20.14 23.59 28.95
I IOD L . -16.50 8.47 53.33
I IOD M . 4.20 12.97 55.76
I IOD N . -4.10 7.85 -11.56
N1 PE1 O . -0.10 12.14 50.72
C2 PE1 O . 1.13 11.98 50.12
C2A PE1 O . 1.26 11.00 48.97
C3 PE1 O . 2.21 12.78 50.63
O3 PE1 O . 3.44 12.68 50.08
C4 PE1 O . 1.99 13.70 51.74
C4A PE1 O . 3.17 14.50 52.24
C5 PE1 O . 0.66 13.78 52.31
C6 PE1 O . -0.36 12.99 51.77
C5A PE1 O . 0.31 14.70 53.49
O4P PE1 O . -0.59 14.00 54.38
P PE1 O . -1.34 14.78 55.59
O1P PE1 O . -1.86 16.05 55.02
O2P PE1 O . -0.27 15.01 56.70
O3P PE1 O . -2.39 13.83 56.14
N PE1 O . 4.03 14.97 51.11
CA PE1 O . 5.28 15.68 51.57
C PE1 O . 6.06 16.13 50.33
O PE1 O . 5.62 15.45 49.22
CB PE1 O . 6.14 14.77 52.47
CG PE1 O . 6.50 13.47 51.78
CD PE1 O . 8.00 13.26 51.77
CE PE1 O . 8.40 12.15 52.71
OXT PE1 O . 7.00 17.04 50.31
NZ PE1 O . 9.72 11.59 52.33
#